data_5EKE
#
_entry.id   5EKE
#
_cell.length_a   154.135
_cell.length_b   142.243
_cell.length_c   102.010
_cell.angle_alpha   90.00
_cell.angle_beta   97.16
_cell.angle_gamma   90.00
#
_symmetry.space_group_name_H-M   'C 1 2 1'
#
loop_
_entity.id
_entity.type
_entity.pdbx_description
1 polymer 'Uncharacterized glycosyltransferase sll0501'
2 non-polymer "URIDINE-5'-DIPHOSPHATE"
3 non-polymer 'MAGNESIUM ION'
#
_entity_poly.entity_id   1
_entity_poly.type   'polypeptide(L)'
_entity_poly.pdbx_seq_one_letter_code
;MHHHHHHSSGVDLGTENLYFQSNATIELSIVIPMYNEEDNLEHLFARLLEVLTPLKITYEIICVNDGSKDKTLKQLIDCY
QSNRQIKIVNLSRNFGKEIALSAGIDYAQGNAVIPIDADLQDPPELIHELVDKWREGYDIVYATRRSRQGETWVKQFTAK
MFYKVIGRMTEIKIPPNTGDFRLMDRKVVNAIKQLPERTRFMKGLFAWVGYRQTFVLFDREPRFQGQTKWNYWKLWNAAL
DGIFSFSLLPLKVWTYLGSIISLLSLAYASFLILKTITLGVDVPGYASLMVAILFLGGVQLISLGVIGEYLGRVYEEVKA
RPLYLVSDLWGLEYLPLEKLN
;
_entity_poly.pdbx_strand_id   A,B,C,D
#
loop_
_chem_comp.id
_chem_comp.type
_chem_comp.name
_chem_comp.formula
MG non-polymer 'MAGNESIUM ION' 'Mg 2'
UDP RNA linking URIDINE-5'-DIPHOSPHATE 'C9 H14 N2 O12 P2'
#
# COMPACT_ATOMS: atom_id res chain seq x y z
N PHE A 20 -15.16 -21.11 -45.76
CA PHE A 20 -14.57 -22.44 -45.86
C PHE A 20 -14.41 -23.07 -44.47
N GLN A 21 -13.62 -22.41 -43.63
CA GLN A 21 -13.41 -22.87 -42.26
C GLN A 21 -13.23 -21.65 -41.36
N SER A 22 -13.67 -21.78 -40.11
CA SER A 22 -13.62 -20.68 -39.17
C SER A 22 -12.29 -20.68 -38.41
N ASN A 23 -11.93 -19.51 -37.90
CA ASN A 23 -10.70 -19.31 -37.14
C ASN A 23 -11.04 -18.60 -35.84
N ALA A 24 -10.62 -19.19 -34.71
CA ALA A 24 -11.00 -18.67 -33.41
C ALA A 24 -10.00 -17.66 -32.85
N THR A 25 -8.72 -17.83 -33.12
CA THR A 25 -7.69 -16.98 -32.54
C THR A 25 -7.41 -15.76 -33.40
N ILE A 26 -7.30 -14.60 -32.76
CA ILE A 26 -7.00 -13.34 -33.43
C ILE A 26 -5.51 -13.09 -33.33
N GLU A 27 -4.88 -12.80 -34.47
CA GLU A 27 -3.42 -12.68 -34.53
C GLU A 27 -2.93 -11.25 -34.32
N LEU A 28 -3.65 -10.27 -34.85
CA LEU A 28 -3.23 -8.87 -34.77
C LEU A 28 -4.36 -8.02 -34.20
N SER A 29 -3.99 -7.03 -33.39
CA SER A 29 -4.95 -6.11 -32.79
C SER A 29 -4.50 -4.68 -33.01
N ILE A 30 -5.37 -3.87 -33.60
CA ILE A 30 -5.10 -2.46 -33.86
C ILE A 30 -5.98 -1.64 -32.91
N VAL A 31 -5.34 -0.79 -32.12
CA VAL A 31 -6.02 -0.01 -31.08
C VAL A 31 -6.00 1.45 -31.50
N ILE A 32 -7.19 2.06 -31.58
CA ILE A 32 -7.31 3.45 -32.01
C ILE A 32 -8.03 4.25 -30.94
N PRO A 33 -7.34 5.11 -30.19
CA PRO A 33 -8.04 6.07 -29.31
C PRO A 33 -8.66 7.18 -30.14
N MET A 34 -9.93 7.50 -29.84
CA MET A 34 -10.71 8.41 -30.65
C MET A 34 -11.37 9.48 -29.80
N TYR A 35 -11.16 10.74 -30.18
CA TYR A 35 -11.81 11.88 -29.52
C TYR A 35 -12.17 12.89 -30.61
N ASN A 36 -13.47 12.99 -30.91
CA ASN A 36 -13.98 13.92 -31.91
C ASN A 36 -13.37 13.63 -33.29
N GLU A 37 -13.60 12.41 -33.77
CA GLU A 37 -13.11 11.94 -35.05
C GLU A 37 -14.25 11.59 -35.98
N GLU A 38 -15.27 12.47 -36.02
CA GLU A 38 -16.45 12.20 -36.83
C GLU A 38 -16.11 12.13 -38.32
N ASP A 39 -15.16 12.95 -38.77
CA ASP A 39 -14.87 13.04 -40.20
C ASP A 39 -13.91 11.95 -40.65
N ASN A 40 -12.85 11.68 -39.88
CA ASN A 40 -11.80 10.77 -40.32
C ASN A 40 -12.22 9.31 -40.36
N LEU A 41 -13.45 8.97 -39.98
CA LEU A 41 -13.81 7.55 -39.86
C LEU A 41 -13.89 6.87 -41.22
N GLU A 42 -14.51 7.53 -42.21
CA GLU A 42 -14.66 6.91 -43.52
C GLU A 42 -13.30 6.62 -44.16
N HIS A 43 -12.35 7.54 -44.01
CA HIS A 43 -11.03 7.34 -44.60
C HIS A 43 -10.15 6.42 -43.76
N LEU A 44 -10.31 6.43 -42.44
CA LEU A 44 -9.47 5.61 -41.57
C LEU A 44 -9.78 4.13 -41.78
N PHE A 45 -11.05 3.75 -41.68
CA PHE A 45 -11.42 2.33 -41.80
C PHE A 45 -11.16 1.81 -43.20
N ALA A 46 -11.37 2.64 -44.22
CA ALA A 46 -11.14 2.20 -45.59
C ALA A 46 -9.66 1.99 -45.86
N ARG A 47 -8.82 2.92 -45.40
CA ARG A 47 -7.38 2.77 -45.60
C ARG A 47 -6.79 1.68 -44.72
N LEU A 48 -7.36 1.48 -43.52
CA LEU A 48 -6.90 0.38 -42.67
C LEU A 48 -7.22 -0.97 -43.29
N LEU A 49 -8.42 -1.10 -43.87
CA LEU A 49 -8.77 -2.35 -44.55
C LEU A 49 -7.89 -2.61 -45.76
N GLU A 50 -7.49 -1.55 -46.46
CA GLU A 50 -6.61 -1.70 -47.62
C GLU A 50 -5.23 -2.20 -47.21
N VAL A 51 -4.79 -1.91 -45.99
CA VAL A 51 -3.48 -2.36 -45.52
C VAL A 51 -3.56 -3.72 -44.86
N LEU A 52 -4.63 -3.98 -44.11
CA LEU A 52 -4.71 -5.22 -43.33
C LEU A 52 -5.12 -6.42 -44.17
N THR A 53 -5.88 -6.20 -45.24
CA THR A 53 -6.36 -7.32 -46.05
C THR A 53 -5.24 -8.09 -46.75
N PRO A 54 -4.25 -7.46 -47.40
CA PRO A 54 -3.21 -8.24 -48.07
C PRO A 54 -2.35 -9.09 -47.13
N LEU A 55 -2.44 -8.87 -45.81
CA LEU A 55 -1.64 -9.65 -44.88
C LEU A 55 -2.12 -11.10 -44.77
N LYS A 56 -3.37 -11.37 -45.15
CA LYS A 56 -3.97 -12.70 -45.02
C LYS A 56 -3.86 -13.21 -43.58
N ILE A 57 -4.20 -12.34 -42.64
CA ILE A 57 -4.04 -12.60 -41.21
C ILE A 57 -5.26 -12.06 -40.48
N THR A 58 -5.78 -12.86 -39.55
CA THR A 58 -6.94 -12.44 -38.77
C THR A 58 -6.56 -11.29 -37.84
N TYR A 59 -7.46 -10.31 -37.73
CA TYR A 59 -7.17 -9.09 -37.00
C TYR A 59 -8.45 -8.59 -36.32
N GLU A 60 -8.29 -7.50 -35.56
CA GLU A 60 -9.41 -6.83 -34.92
C GLU A 60 -9.05 -5.37 -34.73
N ILE A 61 -10.07 -4.51 -34.77
CA ILE A 61 -9.90 -3.07 -34.62
C ILE A 61 -10.64 -2.65 -33.36
N ILE A 62 -9.89 -2.27 -32.33
CA ILE A 62 -10.47 -1.80 -31.07
C ILE A 62 -10.55 -0.28 -31.14
N CYS A 63 -11.77 0.25 -31.16
CA CYS A 63 -12.00 1.68 -31.22
C CYS A 63 -12.44 2.18 -29.84
N VAL A 64 -11.65 3.07 -29.27
CA VAL A 64 -11.88 3.58 -27.92
C VAL A 64 -12.46 4.98 -28.04
N ASN A 65 -13.73 5.13 -27.66
CA ASN A 65 -14.38 6.43 -27.62
C ASN A 65 -14.02 7.11 -26.29
N ASP A 66 -13.28 8.21 -26.38
CA ASP A 66 -12.78 8.91 -25.19
C ASP A 66 -13.63 10.16 -24.92
N GLY A 67 -14.91 9.93 -24.67
CA GLY A 67 -15.83 11.00 -24.32
C GLY A 67 -15.97 12.06 -25.39
N SER A 68 -16.20 11.62 -26.63
CA SER A 68 -16.34 12.57 -27.74
C SER A 68 -17.64 13.34 -27.61
N LYS A 69 -17.60 14.62 -28.00
CA LYS A 69 -18.76 15.50 -27.95
C LYS A 69 -19.56 15.52 -29.23
N ASP A 70 -19.02 15.03 -30.33
CA ASP A 70 -19.68 15.05 -31.63
C ASP A 70 -20.36 13.70 -31.88
N LYS A 71 -20.67 13.41 -33.15
CA LYS A 71 -21.32 12.18 -33.54
C LYS A 71 -20.34 11.06 -33.84
N THR A 72 -19.21 11.01 -33.13
CA THR A 72 -18.22 9.97 -33.37
C THR A 72 -18.74 8.60 -32.98
N LEU A 73 -19.44 8.50 -31.84
CA LEU A 73 -19.92 7.20 -31.38
C LEU A 73 -20.99 6.63 -32.30
N LYS A 74 -21.88 7.47 -32.82
CA LYS A 74 -22.93 7.00 -33.72
C LYS A 74 -22.32 6.41 -34.99
N GLN A 75 -21.29 7.06 -35.54
CA GLN A 75 -20.62 6.53 -36.72
C GLN A 75 -19.86 5.25 -36.39
N LEU A 76 -19.32 5.14 -35.17
CA LEU A 76 -18.63 3.92 -34.77
C LEU A 76 -19.59 2.73 -34.72
N ILE A 77 -20.77 2.94 -34.16
CA ILE A 77 -21.75 1.86 -34.06
C ILE A 77 -22.23 1.44 -35.45
N ASP A 78 -22.36 2.40 -36.37
CA ASP A 78 -22.76 2.06 -37.73
C ASP A 78 -21.71 1.20 -38.42
N CYS A 79 -20.43 1.58 -38.28
CA CYS A 79 -19.36 0.74 -38.80
C CYS A 79 -19.28 -0.59 -38.06
N TYR A 80 -19.69 -0.60 -36.80
CA TYR A 80 -19.68 -1.84 -36.03
C TYR A 80 -20.72 -2.83 -36.55
N GLN A 81 -21.86 -2.33 -37.02
CA GLN A 81 -22.95 -3.21 -37.44
C GLN A 81 -22.61 -3.96 -38.72
N SER A 82 -21.80 -3.37 -39.59
CA SER A 82 -21.51 -3.94 -40.90
C SER A 82 -20.08 -4.45 -41.03
N ASN A 83 -19.32 -4.46 -39.94
CA ASN A 83 -17.93 -4.93 -39.97
C ASN A 83 -17.65 -5.73 -38.72
N ARG A 84 -17.29 -7.01 -38.91
CA ARG A 84 -17.06 -7.91 -37.79
C ARG A 84 -15.76 -7.63 -37.04
N GLN A 85 -14.88 -6.81 -37.59
CA GLN A 85 -13.59 -6.52 -36.97
C GLN A 85 -13.57 -5.21 -36.20
N ILE A 86 -14.65 -4.45 -36.21
CA ILE A 86 -14.75 -3.21 -35.44
C ILE A 86 -15.38 -3.54 -34.09
N LYS A 87 -14.68 -3.17 -33.02
CA LYS A 87 -15.16 -3.36 -31.66
C LYS A 87 -14.96 -2.06 -30.90
N ILE A 88 -15.97 -1.66 -30.13
CA ILE A 88 -16.03 -0.35 -29.52
C ILE A 88 -15.90 -0.48 -28.00
N VAL A 89 -15.07 0.39 -27.41
CA VAL A 89 -14.93 0.50 -25.96
C VAL A 89 -15.28 1.94 -25.61
N ASN A 90 -16.46 2.14 -25.05
CA ASN A 90 -16.94 3.49 -24.73
C ASN A 90 -16.57 3.82 -23.29
N LEU A 91 -15.70 4.82 -23.13
CA LEU A 91 -15.34 5.30 -21.80
C LEU A 91 -16.44 6.19 -21.23
N SER A 92 -16.47 6.28 -19.91
CA SER A 92 -17.50 7.07 -19.25
C SER A 92 -17.33 8.56 -19.53
N ARG A 93 -16.09 9.04 -19.52
CA ARG A 93 -15.79 10.44 -19.77
C ARG A 93 -14.46 10.54 -20.49
N ASN A 94 -13.97 11.77 -20.66
CA ASN A 94 -12.68 12.01 -21.29
C ASN A 94 -11.56 11.77 -20.29
N PHE A 95 -10.73 10.77 -20.57
CA PHE A 95 -9.62 10.40 -19.69
C PHE A 95 -8.26 10.76 -20.26
N GLY A 96 -8.17 11.09 -21.54
CA GLY A 96 -6.91 11.43 -22.17
C GLY A 96 -6.49 10.38 -23.20
N LYS A 97 -5.56 10.80 -24.06
CA LYS A 97 -5.07 9.91 -25.11
C LYS A 97 -4.39 8.68 -24.53
N GLU A 98 -3.54 8.88 -23.52
CA GLU A 98 -2.75 7.78 -22.98
C GLU A 98 -3.64 6.78 -22.24
N ILE A 99 -4.57 7.27 -21.41
CA ILE A 99 -5.43 6.37 -20.64
C ILE A 99 -6.37 5.60 -21.55
N ALA A 100 -6.97 6.29 -22.53
CA ALA A 100 -7.82 5.61 -23.49
C ALA A 100 -7.04 4.58 -24.29
N LEU A 101 -5.74 4.81 -24.49
CA LEU A 101 -4.91 3.82 -25.17
C LEU A 101 -4.68 2.59 -24.30
N SER A 102 -4.46 2.80 -23.00
CA SER A 102 -4.32 1.67 -22.08
C SER A 102 -5.62 0.88 -21.99
N ALA A 103 -6.76 1.56 -22.00
CA ALA A 103 -8.03 0.88 -21.93
C ALA A 103 -8.27 0.01 -23.15
N GLY A 104 -7.83 0.48 -24.32
CA GLY A 104 -7.99 -0.32 -25.53
C GLY A 104 -7.09 -1.55 -25.55
N ILE A 105 -5.88 -1.42 -24.99
CA ILE A 105 -4.97 -2.56 -24.94
C ILE A 105 -5.49 -3.61 -23.95
N ASP A 106 -6.17 -3.17 -22.88
CA ASP A 106 -6.68 -4.12 -21.90
C ASP A 106 -7.75 -5.03 -22.51
N TYR A 107 -8.67 -4.47 -23.29
CA TYR A 107 -9.72 -5.25 -23.93
C TYR A 107 -9.29 -5.84 -25.27
N ALA A 108 -8.00 -5.76 -25.60
CA ALA A 108 -7.49 -6.25 -26.88
C ALA A 108 -6.78 -7.58 -26.67
N GLN A 109 -7.30 -8.62 -27.29
CA GLN A 109 -6.62 -9.91 -27.35
C GLN A 109 -5.90 -10.04 -28.68
N GLY A 110 -4.90 -10.90 -28.72
CA GLY A 110 -4.12 -11.13 -29.91
C GLY A 110 -2.64 -11.23 -29.60
N ASN A 111 -1.91 -11.87 -30.53
CA ASN A 111 -0.48 -12.09 -30.31
C ASN A 111 0.32 -10.81 -30.45
N ALA A 112 -0.18 -9.84 -31.21
CA ALA A 112 0.51 -8.57 -31.40
C ALA A 112 -0.50 -7.43 -31.28
N VAL A 113 -0.08 -6.34 -30.64
CA VAL A 113 -0.91 -5.16 -30.43
C VAL A 113 -0.20 -3.95 -31.04
N ILE A 114 -0.91 -3.20 -31.87
CA ILE A 114 -0.36 -2.02 -32.53
C ILE A 114 -1.30 -0.85 -32.34
N PRO A 115 -0.92 0.17 -31.56
CA PRO A 115 -1.73 1.38 -31.47
C PRO A 115 -1.39 2.41 -32.54
N ILE A 116 -2.44 3.01 -33.12
CA ILE A 116 -2.31 4.05 -34.11
C ILE A 116 -3.28 5.18 -33.77
N ASP A 117 -3.13 6.30 -34.47
CA ASP A 117 -3.99 7.46 -34.27
C ASP A 117 -5.07 7.51 -35.36
N ALA A 118 -6.14 8.24 -35.05
CA ALA A 118 -7.21 8.42 -36.04
C ALA A 118 -6.81 9.41 -37.13
N ASP A 119 -6.15 10.50 -36.76
CA ASP A 119 -5.52 11.35 -37.75
C ASP A 119 -4.21 10.69 -38.19
N LEU A 120 -4.09 10.39 -39.48
CA LEU A 120 -3.10 9.43 -39.95
C LEU A 120 -1.75 10.08 -40.26
N GLN A 121 -1.20 10.82 -39.30
CA GLN A 121 0.23 11.13 -39.34
C GLN A 121 1.07 9.86 -39.26
N ASP A 122 0.51 8.79 -38.72
CA ASP A 122 1.13 7.47 -38.70
C ASP A 122 0.57 6.66 -39.87
N PRO A 123 1.31 6.47 -40.95
CA PRO A 123 0.77 5.75 -42.11
C PRO A 123 0.49 4.30 -41.76
N PRO A 124 -0.74 3.83 -41.99
CA PRO A 124 -1.07 2.44 -41.65
C PRO A 124 -0.27 1.42 -42.44
N GLU A 125 0.31 1.80 -43.58
CA GLU A 125 1.10 0.87 -44.38
C GLU A 125 2.32 0.36 -43.62
N LEU A 126 2.81 1.13 -42.64
CA LEU A 126 3.95 0.68 -41.84
C LEU A 126 3.63 -0.56 -41.00
N ILE A 127 2.35 -0.88 -40.84
CA ILE A 127 1.98 -2.10 -40.13
C ILE A 127 2.54 -3.32 -40.85
N HIS A 128 2.59 -3.27 -42.18
CA HIS A 128 3.16 -4.38 -42.95
C HIS A 128 4.64 -4.55 -42.64
N GLU A 129 5.34 -3.47 -42.32
CA GLU A 129 6.74 -3.58 -41.91
C GLU A 129 6.88 -3.92 -40.43
N LEU A 130 5.96 -3.42 -39.59
CA LEU A 130 6.01 -3.74 -38.17
C LEU A 130 5.82 -5.23 -37.93
N VAL A 131 4.90 -5.86 -38.66
CA VAL A 131 4.64 -7.28 -38.47
C VAL A 131 5.79 -8.11 -39.05
N ASP A 132 6.53 -7.57 -40.02
CA ASP A 132 7.65 -8.31 -40.59
C ASP A 132 8.80 -8.43 -39.59
N LYS A 133 9.14 -7.31 -38.93
CA LYS A 133 10.17 -7.37 -37.90
C LYS A 133 9.72 -8.24 -36.73
N TRP A 134 8.42 -8.24 -36.42
CA TRP A 134 7.90 -9.12 -35.38
C TRP A 134 7.96 -10.58 -35.80
N ARG A 135 7.83 -10.86 -37.10
CA ARG A 135 7.95 -12.23 -37.59
C ARG A 135 9.36 -12.78 -37.43
N GLU A 136 10.37 -11.91 -37.38
CA GLU A 136 11.75 -12.35 -37.23
C GLU A 136 12.12 -12.69 -35.79
N GLY A 137 11.29 -12.33 -34.83
CA GLY A 137 11.55 -12.62 -33.42
C GLY A 137 11.60 -11.41 -32.53
N TYR A 138 11.50 -10.20 -33.08
CA TYR A 138 11.53 -9.01 -32.25
C TYR A 138 10.25 -8.86 -31.46
N ASP A 139 10.39 -8.68 -30.14
CA ASP A 139 9.21 -8.56 -29.28
C ASP A 139 8.61 -7.17 -29.33
N ILE A 140 9.44 -6.12 -29.46
CA ILE A 140 8.98 -4.75 -29.52
C ILE A 140 9.60 -4.10 -30.75
N VAL A 141 8.75 -3.58 -31.64
CA VAL A 141 9.19 -2.92 -32.87
C VAL A 141 8.60 -1.51 -32.87
N TYR A 142 9.47 -0.50 -32.81
CA TYR A 142 9.03 0.88 -32.79
C TYR A 142 8.93 1.45 -34.20
N ALA A 143 8.08 2.46 -34.34
CA ALA A 143 7.91 3.21 -35.59
C ALA A 143 8.27 4.66 -35.29
N THR A 144 9.57 4.94 -35.26
CA THR A 144 10.06 6.28 -34.97
C THR A 144 10.24 7.07 -36.25
N ARG A 145 9.92 8.36 -36.19
CA ARG A 145 10.06 9.23 -37.35
C ARG A 145 11.51 9.66 -37.52
N ARG A 146 11.87 9.96 -38.76
CA ARG A 146 13.23 10.42 -39.04
C ARG A 146 13.48 11.78 -38.40
N SER A 147 14.73 12.01 -38.02
CA SER A 147 15.08 13.17 -37.18
C SER A 147 15.47 14.37 -38.03
N ARG A 148 16.61 14.28 -38.72
CA ARG A 148 17.26 15.44 -39.34
C ARG A 148 17.53 16.44 -38.21
N GLN A 149 17.56 17.74 -38.55
CA GLN A 149 17.65 18.81 -37.56
C GLN A 149 19.00 18.79 -36.83
N GLY A 150 19.34 19.89 -36.17
CA GLY A 150 20.60 19.97 -35.43
C GLY A 150 20.90 21.35 -34.90
N MET A 169 20.68 0.33 -27.45
CA MET A 169 20.20 0.66 -28.79
C MET A 169 19.01 1.61 -28.71
N THR A 170 18.26 1.70 -29.82
CA THR A 170 17.11 2.59 -29.94
C THR A 170 17.52 4.02 -29.59
N GLU A 171 17.18 4.46 -28.38
CA GLU A 171 17.55 5.76 -27.82
C GLU A 171 17.03 6.94 -28.65
N ILE A 172 16.11 6.70 -29.58
CA ILE A 172 15.52 7.80 -30.35
C ILE A 172 14.42 8.43 -29.52
N LYS A 173 14.81 9.25 -28.54
CA LYS A 173 13.86 9.89 -27.65
C LYS A 173 14.28 11.35 -27.42
N ILE A 174 14.43 12.09 -28.50
CA ILE A 174 14.72 13.52 -28.43
C ILE A 174 14.27 14.22 -29.71
N PRO A 175 14.78 13.86 -30.90
CA PRO A 175 14.28 14.50 -32.12
C PRO A 175 13.08 13.74 -32.67
N PRO A 176 11.99 14.45 -32.98
CA PRO A 176 10.67 13.80 -33.06
C PRO A 176 10.43 12.57 -32.17
N ASN A 177 11.37 11.63 -32.17
CA ASN A 177 11.44 10.56 -31.17
C ASN A 177 10.39 9.49 -31.39
N THR A 178 10.59 8.32 -30.78
CA THR A 178 9.61 7.25 -30.87
C THR A 178 8.33 7.65 -30.16
N GLY A 179 7.20 7.50 -30.86
CA GLY A 179 5.91 7.79 -30.33
C GLY A 179 5.12 6.53 -30.00
N ASP A 180 3.81 6.71 -29.84
CA ASP A 180 2.92 5.59 -29.54
C ASP A 180 2.60 4.73 -30.75
N PHE A 181 3.46 4.73 -31.77
CA PHE A 181 3.33 3.88 -32.93
C PHE A 181 4.35 2.75 -32.77
N ARG A 182 3.88 1.57 -32.38
CA ARG A 182 4.79 0.47 -32.09
C ARG A 182 4.03 -0.84 -32.17
N LEU A 183 4.78 -1.94 -32.14
CA LEU A 183 4.24 -3.28 -32.04
C LEU A 183 4.81 -3.93 -30.78
N MET A 184 3.95 -4.59 -30.02
CA MET A 184 4.35 -5.27 -28.80
C MET A 184 3.79 -6.69 -28.82
N ASP A 185 4.65 -7.67 -28.56
CA ASP A 185 4.22 -9.06 -28.49
C ASP A 185 3.31 -9.25 -27.28
N ARG A 186 2.57 -10.37 -27.28
CA ARG A 186 1.65 -10.66 -26.18
C ARG A 186 2.39 -10.77 -24.86
N LYS A 187 3.61 -11.31 -24.87
CA LYS A 187 4.39 -11.43 -23.64
C LYS A 187 4.72 -10.06 -23.06
N VAL A 188 4.88 -9.05 -23.91
CA VAL A 188 5.25 -7.73 -23.42
C VAL A 188 4.04 -7.01 -22.83
N VAL A 189 2.88 -7.11 -23.48
CA VAL A 189 1.70 -6.44 -22.96
C VAL A 189 1.21 -7.12 -21.68
N ASN A 190 1.47 -8.41 -21.53
CA ASN A 190 1.09 -9.11 -20.30
C ASN A 190 2.02 -8.74 -19.15
N ALA A 191 3.29 -8.48 -19.44
CA ALA A 191 4.25 -8.22 -18.37
C ALA A 191 4.01 -6.89 -17.68
N ILE A 192 3.44 -5.91 -18.39
CA ILE A 192 3.20 -4.58 -17.85
C ILE A 192 1.70 -4.30 -17.71
N LYS A 193 0.88 -5.35 -17.64
CA LYS A 193 -0.57 -5.15 -17.57
C LYS A 193 -0.97 -4.48 -16.26
N GLN A 194 -0.39 -4.92 -15.14
CA GLN A 194 -0.73 -4.38 -13.83
C GLN A 194 0.13 -3.19 -13.44
N LEU A 195 1.08 -2.79 -14.27
CA LEU A 195 1.96 -1.68 -13.94
C LEU A 195 1.28 -0.35 -14.28
N PRO A 196 1.30 0.63 -13.37
CA PRO A 196 0.73 1.95 -13.71
C PRO A 196 1.53 2.70 -14.76
N GLU A 197 2.77 2.30 -15.03
CA GLU A 197 3.62 3.01 -15.98
C GLU A 197 3.29 2.67 -17.44
N ARG A 198 2.41 1.71 -17.70
CA ARG A 198 2.04 1.39 -19.07
C ARG A 198 1.36 2.56 -19.76
N THR A 199 0.80 3.49 -18.98
CA THR A 199 0.24 4.70 -19.57
C THR A 199 1.32 5.51 -20.30
N ARG A 200 2.48 5.64 -19.69
CA ARG A 200 3.61 6.35 -20.29
C ARG A 200 4.73 5.36 -20.56
N PHE A 201 4.48 4.45 -21.50
CA PHE A 201 5.46 3.41 -21.83
C PHE A 201 6.73 4.01 -22.43
N MET A 202 6.63 5.15 -23.09
CA MET A 202 7.77 5.81 -23.70
C MET A 202 8.52 6.72 -22.75
N LYS A 203 8.11 6.79 -21.48
CA LYS A 203 8.78 7.63 -20.50
C LYS A 203 9.92 6.94 -19.78
N GLY A 204 10.20 5.67 -20.12
CA GLY A 204 11.31 4.98 -19.51
C GLY A 204 11.06 3.49 -19.31
N LEU A 205 9.80 3.07 -19.41
CA LEU A 205 9.48 1.66 -19.20
C LEU A 205 10.02 0.79 -20.32
N PHE A 206 10.13 1.34 -21.54
CA PHE A 206 10.65 0.56 -22.66
C PHE A 206 12.10 0.16 -22.45
N ALA A 207 12.87 0.98 -21.72
CA ALA A 207 14.26 0.66 -21.45
C ALA A 207 14.43 -0.31 -20.28
N TRP A 208 13.41 -0.47 -19.46
CA TRP A 208 13.49 -1.35 -18.29
C TRP A 208 13.03 -2.77 -18.59
N VAL A 209 12.03 -2.94 -19.46
CA VAL A 209 11.48 -4.27 -19.72
C VAL A 209 12.46 -5.12 -20.53
N GLY A 210 13.31 -4.50 -21.33
CA GLY A 210 14.25 -5.24 -22.15
C GLY A 210 13.62 -5.89 -23.37
N TYR A 211 13.74 -7.22 -23.47
CA TYR A 211 13.26 -8.00 -24.60
C TYR A 211 13.99 -7.63 -25.89
N ARG A 212 13.67 -8.31 -26.98
CA ARG A 212 14.27 -8.01 -28.27
C ARG A 212 13.57 -6.80 -28.88
N GLN A 213 14.31 -5.72 -29.04
CA GLN A 213 13.75 -4.45 -29.50
C GLN A 213 14.41 -4.00 -30.79
N THR A 214 13.63 -3.31 -31.62
CA THR A 214 14.13 -2.71 -32.85
C THR A 214 13.16 -1.60 -33.26
N PHE A 215 13.55 -0.84 -34.28
CA PHE A 215 12.76 0.30 -34.71
C PHE A 215 12.76 0.39 -36.22
N VAL A 216 11.88 1.24 -36.75
CA VAL A 216 11.76 1.48 -38.18
C VAL A 216 11.56 2.98 -38.39
N LEU A 217 12.32 3.56 -39.32
CA LEU A 217 12.27 4.99 -39.57
C LEU A 217 11.33 5.30 -40.73
N PHE A 218 10.68 6.46 -40.64
CA PHE A 218 9.73 6.88 -41.66
C PHE A 218 9.57 8.39 -41.60
N ASP A 219 9.27 8.98 -42.75
CA ASP A 219 9.03 10.41 -42.86
C ASP A 219 7.55 10.69 -43.13
N ARG A 220 7.17 11.95 -42.94
CA ARG A 220 5.80 12.41 -43.16
C ARG A 220 4.78 11.57 -42.41
N ASN A 231 10.46 19.87 -28.60
CA ASN A 231 11.19 20.82 -27.77
C ASN A 231 12.25 20.13 -26.93
N TYR A 232 13.39 20.80 -26.74
CA TYR A 232 14.46 20.25 -25.93
C TYR A 232 14.13 20.25 -24.44
N TRP A 233 13.14 21.05 -24.02
CA TRP A 233 12.76 21.07 -22.62
C TRP A 233 12.04 19.79 -22.23
N LYS A 234 11.16 19.28 -23.08
CA LYS A 234 10.46 18.04 -22.81
C LYS A 234 11.39 16.83 -22.84
N LEU A 235 12.55 16.97 -23.49
CA LEU A 235 13.55 15.90 -23.49
C LEU A 235 13.95 15.56 -22.06
N TRP A 236 14.53 16.53 -21.36
CA TRP A 236 15.03 16.31 -20.01
C TRP A 236 13.96 16.44 -18.94
N ASN A 237 12.76 16.93 -19.30
CA ASN A 237 11.63 16.82 -18.40
C ASN A 237 11.18 15.37 -18.27
N ALA A 238 11.17 14.63 -19.38
CA ALA A 238 10.87 13.21 -19.33
C ALA A 238 12.06 12.41 -18.81
N ALA A 239 13.28 12.92 -19.03
CA ALA A 239 14.46 12.25 -18.48
C ALA A 239 14.49 12.33 -16.96
N LEU A 240 14.16 13.49 -16.40
CA LEU A 240 14.03 13.59 -14.95
C LEU A 240 12.85 12.79 -14.44
N ASP A 241 11.79 12.65 -15.24
CA ASP A 241 10.67 11.81 -14.86
C ASP A 241 11.03 10.34 -14.84
N GLY A 242 12.13 9.96 -15.45
CA GLY A 242 12.56 8.57 -15.49
C GLY A 242 13.54 8.20 -14.40
N ILE A 243 14.39 9.15 -14.01
CA ILE A 243 15.40 8.86 -12.99
C ILE A 243 14.78 8.76 -11.60
N PHE A 244 13.56 9.25 -11.41
CA PHE A 244 12.90 9.16 -10.12
C PHE A 244 12.03 7.92 -9.98
N SER A 245 11.61 7.32 -11.08
CA SER A 245 10.67 6.20 -11.04
C SER A 245 11.35 4.85 -10.99
N PHE A 246 12.52 4.71 -11.63
CA PHE A 246 13.16 3.40 -11.78
C PHE A 246 14.54 3.35 -11.12
N SER A 247 14.81 4.22 -10.16
CA SER A 247 16.18 4.30 -9.66
C SER A 247 16.29 4.40 -8.15
N LEU A 248 15.56 5.35 -7.54
CA LEU A 248 15.63 5.72 -6.12
C LEU A 248 16.97 6.33 -5.73
N LEU A 249 17.88 6.54 -6.68
CA LEU A 249 19.20 7.14 -6.42
C LEU A 249 19.12 8.62 -6.07
N PRO A 250 18.29 9.44 -6.74
CA PRO A 250 18.18 10.85 -6.33
C PRO A 250 17.79 11.01 -4.87
N LEU A 251 17.04 10.07 -4.31
CA LEU A 251 16.66 10.16 -2.90
C LEU A 251 17.79 9.71 -1.99
N LYS A 252 18.42 8.57 -2.31
CA LYS A 252 19.49 8.05 -1.45
C LYS A 252 20.73 8.92 -1.51
N VAL A 253 21.10 9.40 -2.70
CA VAL A 253 22.28 10.24 -2.83
C VAL A 253 22.10 11.54 -2.04
N TRP A 254 20.90 12.14 -2.13
CA TRP A 254 20.66 13.34 -1.36
C TRP A 254 20.51 13.05 0.12
N THR A 255 20.09 11.82 0.46
CA THR A 255 20.05 11.43 1.87
C THR A 255 21.45 11.38 2.46
N TYR A 256 22.40 10.75 1.75
CA TYR A 256 23.78 10.71 2.22
C TYR A 256 24.38 12.12 2.24
N LEU A 257 24.17 12.89 1.18
CA LEU A 257 24.72 14.23 1.10
C LEU A 257 24.17 15.13 2.21
N GLY A 258 22.84 15.12 2.38
CA GLY A 258 22.24 15.93 3.42
C GLY A 258 22.63 15.50 4.82
N SER A 259 23.00 14.23 4.99
CA SER A 259 23.38 13.74 6.31
C SER A 259 24.84 14.05 6.62
N ILE A 260 25.72 13.94 5.63
CA ILE A 260 27.14 14.19 5.89
C ILE A 260 27.41 15.68 6.08
N ILE A 261 26.67 16.55 5.37
CA ILE A 261 26.79 17.98 5.62
C ILE A 261 26.11 18.34 6.93
N SER A 262 25.21 17.49 7.43
CA SER A 262 24.69 17.69 8.78
C SER A 262 25.74 17.37 9.83
N LEU A 263 26.59 16.37 9.56
CA LEU A 263 27.69 16.07 10.47
C LEU A 263 28.73 17.18 10.47
N LEU A 264 29.09 17.69 9.28
CA LEU A 264 29.98 18.83 9.21
C LEU A 264 29.37 20.05 9.90
N SER A 265 28.05 20.22 9.78
CA SER A 265 27.37 21.30 10.46
C SER A 265 27.40 21.11 11.98
N LEU A 266 26.78 20.02 12.46
CA LEU A 266 26.62 19.83 13.90
C LEU A 266 27.96 19.82 14.62
N ALA A 267 28.98 19.17 14.03
CA ALA A 267 30.28 19.10 14.69
C ALA A 267 30.93 20.47 14.80
N TYR A 268 30.65 21.38 13.87
CA TYR A 268 31.29 22.70 13.89
C TYR A 268 30.70 23.62 14.94
N ALA A 269 29.40 23.51 15.21
CA ALA A 269 28.75 24.39 16.18
C ALA A 269 28.59 23.76 17.56
N SER A 270 28.53 22.44 17.66
CA SER A 270 28.29 21.81 18.94
C SER A 270 29.48 21.97 19.87
N PHE A 271 30.69 21.65 19.40
CA PHE A 271 31.85 21.71 20.28
C PHE A 271 33.12 22.20 19.59
N LEU A 272 33.00 22.89 18.46
CA LEU A 272 34.10 23.71 17.98
C LEU A 272 33.91 25.18 18.34
N ILE A 273 32.69 25.70 18.19
CA ILE A 273 32.39 27.04 18.66
C ILE A 273 32.30 27.05 20.18
N LEU A 274 31.67 26.03 20.76
CA LEU A 274 31.56 25.97 22.22
C LEU A 274 32.91 25.80 22.88
N LYS A 275 33.86 25.15 22.21
CA LYS A 275 35.18 24.95 22.79
C LYS A 275 36.09 26.15 22.60
N THR A 276 35.85 26.99 21.60
CA THR A 276 36.69 28.16 21.37
C THR A 276 36.12 29.43 22.01
N ILE A 277 34.84 29.43 22.39
CA ILE A 277 34.24 30.56 23.09
C ILE A 277 33.91 30.25 24.54
N THR A 278 34.16 29.02 24.99
CA THR A 278 34.13 28.77 26.44
C THR A 278 35.22 29.55 27.16
N LEU A 279 36.28 29.91 26.44
CA LEU A 279 37.25 30.88 26.93
C LEU A 279 36.78 32.32 26.75
N GLY A 280 35.71 32.53 25.99
CA GLY A 280 35.18 33.86 25.68
C GLY A 280 36.24 34.76 25.07
N ASP A 282 35.85 34.07 16.46
CA ASP A 282 34.61 34.19 15.71
C ASP A 282 34.87 34.63 14.27
N VAL A 283 33.97 34.23 13.38
CA VAL A 283 34.00 34.61 11.97
C VAL A 283 32.97 35.73 11.81
N PRO A 284 33.16 36.70 10.89
CA PRO A 284 32.17 37.78 10.71
C PRO A 284 30.72 37.35 10.93
N GLY A 285 30.15 37.84 12.03
CA GLY A 285 28.90 37.30 12.54
C GLY A 285 27.77 37.34 11.53
N TYR A 286 27.52 38.52 10.95
CA TYR A 286 26.42 38.64 9.99
C TYR A 286 26.69 37.80 8.75
N ALA A 287 27.94 37.79 8.26
CA ALA A 287 28.28 36.98 7.10
C ALA A 287 28.13 35.49 7.40
N SER A 288 28.45 35.07 8.62
CA SER A 288 28.32 33.67 8.98
C SER A 288 26.87 33.29 9.25
N LEU A 289 26.11 34.18 9.91
CA LEU A 289 24.69 33.92 10.13
C LEU A 289 23.94 33.86 8.80
N MET A 290 24.27 34.76 7.87
CA MET A 290 23.57 34.79 6.58
C MET A 290 23.90 33.54 5.76
N VAL A 291 25.18 33.16 5.71
CA VAL A 291 25.56 32.01 4.91
C VAL A 291 25.07 30.70 5.53
N ALA A 292 24.82 30.69 6.85
CA ALA A 292 24.37 29.47 7.49
C ALA A 292 22.87 29.25 7.30
N ILE A 293 22.07 30.29 7.51
CA ILE A 293 20.62 30.15 7.41
C ILE A 293 20.18 29.89 5.97
N LEU A 294 20.92 30.42 5.00
CA LEU A 294 20.54 30.28 3.59
C LEU A 294 21.05 28.97 3.00
N PHE A 295 22.24 28.53 3.41
CA PHE A 295 22.74 27.24 2.95
C PHE A 295 21.96 26.10 3.57
N LEU A 296 21.79 26.11 4.90
CA LEU A 296 21.05 25.06 5.58
C LEU A 296 19.55 25.17 5.29
N GLY A 297 19.00 26.38 5.33
CA GLY A 297 17.58 26.56 5.09
C GLY A 297 17.15 26.26 3.66
N GLY A 298 18.11 26.26 2.73
CA GLY A 298 17.79 25.97 1.34
C GLY A 298 18.03 24.53 0.95
N VAL A 299 19.05 23.90 1.55
CA VAL A 299 19.29 22.49 1.27
C VAL A 299 18.18 21.64 1.85
N GLN A 300 17.52 22.12 2.91
CA GLN A 300 16.36 21.42 3.44
C GLN A 300 15.20 21.43 2.47
N LEU A 301 15.09 22.48 1.66
CA LEU A 301 14.02 22.54 0.66
C LEU A 301 14.23 21.56 -0.47
N ILE A 302 15.50 21.25 -0.80
CA ILE A 302 15.77 20.23 -1.79
C ILE A 302 15.47 18.84 -1.23
N SER A 303 15.77 18.63 0.06
CA SER A 303 15.37 17.39 0.72
C SER A 303 13.86 17.24 0.74
N LEU A 304 13.15 18.33 1.05
CA LEU A 304 11.69 18.31 0.99
C LEU A 304 11.18 18.15 -0.44
N GLY A 305 11.97 18.56 -1.44
CA GLY A 305 11.56 18.37 -2.82
C GLY A 305 11.56 16.91 -3.23
N VAL A 306 12.65 16.21 -2.94
CA VAL A 306 12.75 14.80 -3.32
C VAL A 306 11.84 13.95 -2.45
N ILE A 307 11.63 14.33 -1.18
CA ILE A 307 10.74 13.57 -0.31
C ILE A 307 9.29 13.72 -0.78
N GLY A 308 8.87 14.95 -1.06
CA GLY A 308 7.54 15.17 -1.59
C GLY A 308 7.35 14.55 -2.96
N GLU A 309 8.41 14.50 -3.77
CA GLU A 309 8.31 13.89 -5.08
C GLU A 309 8.03 12.40 -4.98
N TYR A 310 8.76 11.70 -4.11
CA TYR A 310 8.55 10.28 -3.94
C TYR A 310 7.27 9.96 -3.17
N LEU A 311 6.84 10.87 -2.29
CA LEU A 311 5.59 10.66 -1.56
C LEU A 311 4.39 10.68 -2.51
N GLY A 312 4.41 11.58 -3.49
CA GLY A 312 3.34 11.60 -4.47
C GLY A 312 3.29 10.35 -5.32
N ARG A 313 4.45 9.75 -5.60
CA ARG A 313 4.48 8.50 -6.35
C ARG A 313 3.95 7.33 -5.53
N VAL A 314 4.18 7.36 -4.21
CA VAL A 314 3.63 6.32 -3.34
C VAL A 314 2.11 6.43 -3.29
N TYR A 315 1.58 7.65 -3.27
CA TYR A 315 0.14 7.83 -3.30
C TYR A 315 -0.47 7.31 -4.58
N GLU A 316 0.18 7.59 -5.72
CA GLU A 316 -0.30 7.09 -7.00
C GLU A 316 -0.21 5.57 -7.12
N GLU A 317 0.64 4.94 -6.31
CA GLU A 317 0.82 3.50 -6.35
C GLU A 317 -0.15 2.75 -5.45
N VAL A 318 -0.66 3.39 -4.40
CA VAL A 318 -1.52 2.73 -3.43
C VAL A 318 -2.98 3.17 -3.54
N LYS A 319 -3.30 4.14 -4.40
CA LYS A 319 -4.67 4.59 -4.52
C LYS A 319 -5.54 3.50 -5.13
N ALA A 320 -6.76 3.38 -4.64
CA ALA A 320 -7.66 2.30 -5.04
C ALA A 320 -8.51 2.67 -6.25
N ARG A 321 -8.57 3.94 -6.63
CA ARG A 321 -9.40 4.32 -7.76
C ARG A 321 -8.76 3.84 -9.06
N PRO A 322 -9.54 3.32 -10.00
CA PRO A 322 -8.97 2.78 -11.24
C PRO A 322 -8.51 3.90 -12.17
N LEU A 323 -7.85 3.48 -13.26
CA LEU A 323 -7.33 4.43 -14.22
C LEU A 323 -8.41 4.96 -15.15
N TYR A 324 -9.43 4.15 -15.46
CA TYR A 324 -10.51 4.55 -16.33
C TYR A 324 -11.77 3.81 -15.94
N LEU A 325 -12.87 4.15 -16.60
CA LEU A 325 -14.15 3.50 -16.38
C LEU A 325 -14.85 3.32 -17.72
N VAL A 326 -15.41 2.13 -17.94
CA VAL A 326 -16.07 1.78 -19.19
C VAL A 326 -17.57 1.97 -19.03
N SER A 327 -18.16 2.77 -19.91
CA SER A 327 -19.60 2.98 -19.91
C SER A 327 -20.34 1.91 -20.68
N ASP A 328 -19.88 1.59 -21.89
CA ASP A 328 -20.53 0.59 -22.73
C ASP A 328 -19.46 -0.20 -23.48
N LEU A 329 -19.86 -1.37 -23.98
CA LEU A 329 -19.00 -2.22 -24.79
C LEU A 329 -19.76 -2.75 -25.97
N TRP A 330 -19.11 -2.76 -27.14
CA TRP A 330 -19.69 -3.29 -28.37
C TRP A 330 -18.74 -4.33 -28.94
N GLY A 331 -19.19 -5.58 -29.00
CA GLY A 331 -18.37 -6.65 -29.52
C GLY A 331 -17.29 -7.14 -28.59
N LEU A 332 -17.40 -6.87 -27.29
CA LEU A 332 -16.41 -7.29 -26.31
C LEU A 332 -17.10 -7.67 -25.01
N GLU A 333 -16.37 -8.36 -24.15
CA GLU A 333 -16.83 -8.74 -22.83
C GLU A 333 -16.18 -7.84 -21.77
N TYR A 334 -16.86 -7.74 -20.63
CA TYR A 334 -16.35 -6.91 -19.55
C TYR A 334 -15.22 -7.61 -18.81
N LEU A 335 -14.37 -6.81 -18.19
CA LEU A 335 -13.26 -7.31 -17.37
C LEU A 335 -13.59 -7.12 -15.89
N PRO A 336 -13.09 -8.02 -15.03
CA PRO A 336 -12.23 -9.17 -15.32
C PRO A 336 -12.98 -10.35 -15.94
N PHE B 20 11.79 -50.65 -14.90
CA PHE B 20 11.92 -49.79 -13.72
C PHE B 20 10.75 -48.81 -13.65
N GLN B 21 10.43 -48.38 -12.44
CA GLN B 21 9.31 -47.47 -12.22
C GLN B 21 9.76 -46.02 -12.39
N SER B 22 8.80 -45.11 -12.34
CA SER B 22 9.05 -43.68 -12.45
C SER B 22 8.59 -42.98 -11.18
N ASN B 23 9.09 -41.75 -10.99
CA ASN B 23 8.75 -40.94 -9.84
C ASN B 23 8.52 -39.51 -10.32
N ALA B 24 7.35 -38.96 -10.03
CA ALA B 24 6.96 -37.64 -10.51
C ALA B 24 7.26 -36.53 -9.51
N THR B 25 7.99 -36.83 -8.44
CA THR B 25 8.32 -35.85 -7.41
C THR B 25 9.81 -35.54 -7.46
N ILE B 26 10.14 -34.25 -7.48
CA ILE B 26 11.52 -33.79 -7.46
C ILE B 26 11.92 -33.52 -6.01
N GLU B 27 13.06 -34.05 -5.60
CA GLU B 27 13.53 -33.93 -4.23
C GLU B 27 14.53 -32.80 -4.03
N LEU B 28 15.40 -32.55 -5.01
CA LEU B 28 16.44 -31.54 -4.90
C LEU B 28 16.45 -30.68 -6.16
N SER B 29 16.73 -29.38 -5.98
CA SER B 29 16.82 -28.44 -7.08
C SER B 29 18.05 -27.58 -6.90
N ILE B 30 18.92 -27.57 -7.91
CA ILE B 30 20.08 -26.69 -7.94
C ILE B 30 19.83 -25.60 -8.97
N VAL B 31 20.09 -24.35 -8.57
CA VAL B 31 19.81 -23.18 -9.39
C VAL B 31 21.14 -22.51 -9.72
N ILE B 32 21.39 -22.30 -11.00
CA ILE B 32 22.64 -21.69 -11.45
C ILE B 32 22.34 -20.46 -12.30
N PRO B 33 22.56 -19.25 -11.80
CA PRO B 33 22.48 -18.07 -12.66
C PRO B 33 23.71 -17.93 -13.52
N MET B 34 23.50 -17.64 -14.80
CA MET B 34 24.59 -17.58 -15.78
C MET B 34 24.57 -16.25 -16.50
N TYR B 35 25.73 -15.59 -16.53
CA TYR B 35 25.93 -14.40 -17.34
C TYR B 35 27.29 -14.52 -18.01
N ASN B 36 27.30 -14.73 -19.33
CA ASN B 36 28.52 -14.88 -20.11
C ASN B 36 29.37 -16.04 -19.59
N GLU B 37 28.74 -17.20 -19.48
CA GLU B 37 29.42 -18.41 -19.00
C GLU B 37 29.53 -19.42 -20.13
N GLU B 38 29.95 -18.96 -21.32
CA GLU B 38 30.00 -19.83 -22.49
C GLU B 38 31.00 -20.97 -22.31
N ASP B 39 32.07 -20.75 -21.53
CA ASP B 39 33.15 -21.73 -21.44
C ASP B 39 32.79 -22.90 -20.52
N ASN B 40 32.24 -22.60 -19.35
CA ASN B 40 32.20 -23.56 -18.25
C ASN B 40 31.04 -24.53 -18.32
N LEU B 41 30.21 -24.50 -19.38
CA LEU B 41 29.02 -25.35 -19.40
C LEU B 41 29.35 -26.83 -19.43
N GLU B 42 30.35 -27.22 -20.22
CA GLU B 42 30.69 -28.64 -20.32
C GLU B 42 31.29 -29.16 -19.02
N HIS B 43 32.19 -28.39 -18.41
CA HIS B 43 32.80 -28.84 -17.15
C HIS B 43 31.83 -28.77 -15.98
N LEU B 44 30.94 -27.77 -15.98
CA LEU B 44 29.97 -27.65 -14.89
C LEU B 44 29.00 -28.83 -14.89
N PHE B 45 28.41 -29.13 -16.05
CA PHE B 45 27.43 -30.21 -16.11
C PHE B 45 28.09 -31.57 -15.90
N ALA B 46 29.32 -31.75 -16.35
CA ALA B 46 30.03 -33.01 -16.12
C ALA B 46 30.37 -33.17 -14.64
N ARG B 47 30.86 -32.10 -14.00
CA ARG B 47 31.18 -32.17 -12.58
C ARG B 47 29.91 -32.38 -11.75
N LEU B 48 28.84 -31.66 -12.08
CA LEU B 48 27.59 -31.80 -11.33
C LEU B 48 27.02 -33.20 -11.46
N LEU B 49 27.08 -33.79 -12.66
CA LEU B 49 26.56 -35.13 -12.86
C LEU B 49 27.38 -36.15 -12.05
N GLU B 50 28.70 -35.95 -11.98
CA GLU B 50 29.54 -36.85 -11.19
C GLU B 50 29.29 -36.72 -9.70
N VAL B 51 28.64 -35.64 -9.26
CA VAL B 51 28.34 -35.41 -7.86
C VAL B 51 26.91 -35.80 -7.52
N LEU B 52 25.97 -35.56 -8.43
CA LEU B 52 24.55 -35.80 -8.16
C LEU B 52 24.13 -37.23 -8.43
N THR B 53 24.76 -37.91 -9.39
CA THR B 53 24.33 -39.26 -9.75
C THR B 53 24.52 -40.28 -8.61
N PRO B 54 25.64 -40.33 -7.89
CA PRO B 54 25.77 -41.35 -6.84
C PRO B 54 24.75 -41.24 -5.72
N LEU B 55 24.04 -40.13 -5.60
CA LEU B 55 23.06 -39.98 -4.53
C LEU B 55 21.79 -40.81 -4.78
N LYS B 56 21.54 -41.20 -6.02
CA LYS B 56 20.36 -42.00 -6.37
C LYS B 56 19.07 -41.30 -5.95
N ILE B 57 19.02 -40.00 -6.14
CA ILE B 57 17.87 -39.16 -5.76
C ILE B 57 17.51 -38.28 -6.94
N THR B 58 16.22 -38.14 -7.21
CA THR B 58 15.75 -37.30 -8.30
C THR B 58 16.10 -35.84 -8.05
N TYR B 59 16.50 -35.13 -9.10
CA TYR B 59 16.93 -33.75 -9.00
C TYR B 59 16.55 -33.01 -10.26
N GLU B 60 16.89 -31.72 -10.30
CA GLU B 60 16.67 -30.89 -11.47
C GLU B 60 17.66 -29.74 -11.46
N ILE B 61 17.97 -29.22 -12.64
CA ILE B 61 18.97 -28.17 -12.81
C ILE B 61 18.27 -26.98 -13.47
N ILE B 62 18.11 -25.90 -12.73
CA ILE B 62 17.48 -24.68 -13.23
C ILE B 62 18.58 -23.72 -13.64
N CYS B 63 18.75 -23.53 -14.94
CA CYS B 63 19.75 -22.61 -15.48
C CYS B 63 19.06 -21.31 -15.90
N VAL B 64 19.46 -20.21 -15.28
CA VAL B 64 18.84 -18.91 -15.51
C VAL B 64 19.78 -18.08 -16.37
N ASN B 65 19.42 -17.90 -17.64
CA ASN B 65 20.20 -17.04 -18.53
C ASN B 65 19.88 -15.58 -18.23
N ASP B 66 20.88 -14.85 -17.75
CA ASP B 66 20.68 -13.48 -17.29
C ASP B 66 21.19 -12.47 -18.33
N GLY B 67 20.53 -12.49 -19.48
CA GLY B 67 20.87 -11.56 -20.55
C GLY B 67 22.29 -11.71 -21.06
N SER B 68 22.75 -12.95 -21.25
CA SER B 68 24.10 -13.17 -21.74
C SER B 68 24.22 -12.75 -23.20
N LYS B 69 25.41 -12.28 -23.56
CA LYS B 69 25.69 -11.83 -24.91
C LYS B 69 26.61 -12.75 -25.70
N ASP B 70 27.30 -13.68 -25.03
CA ASP B 70 28.28 -14.54 -25.66
C ASP B 70 27.70 -15.89 -26.08
N LYS B 71 26.43 -15.91 -26.51
CA LYS B 71 25.78 -17.13 -26.99
C LYS B 71 25.77 -18.24 -25.94
N THR B 72 25.69 -17.85 -24.66
CA THR B 72 25.55 -18.84 -23.60
C THR B 72 24.22 -19.57 -23.70
N LEU B 73 23.17 -18.88 -24.15
CA LEU B 73 21.87 -19.50 -24.28
C LEU B 73 21.87 -20.59 -25.35
N LYS B 74 22.59 -20.37 -26.45
CA LYS B 74 22.65 -21.37 -27.51
C LYS B 74 23.26 -22.67 -27.00
N GLN B 75 24.28 -22.58 -26.15
CA GLN B 75 24.88 -23.77 -25.56
C GLN B 75 23.99 -24.37 -24.48
N LEU B 76 23.25 -23.53 -23.75
CA LEU B 76 22.32 -24.05 -22.74
C LEU B 76 21.23 -24.89 -23.38
N ILE B 77 20.69 -24.44 -24.51
CA ILE B 77 19.63 -25.19 -25.19
C ILE B 77 20.17 -26.52 -25.70
N ASP B 78 21.42 -26.54 -26.14
CA ASP B 78 22.03 -27.80 -26.59
C ASP B 78 22.09 -28.80 -25.45
N CYS B 79 22.54 -28.36 -24.27
CA CYS B 79 22.53 -29.24 -23.11
C CYS B 79 21.11 -29.55 -22.64
N TYR B 80 20.17 -28.64 -22.92
CA TYR B 80 18.77 -28.90 -22.60
C TYR B 80 18.20 -30.01 -23.45
N GLN B 81 18.62 -30.11 -24.71
CA GLN B 81 18.06 -31.11 -25.62
C GLN B 81 18.48 -32.52 -25.25
N SER B 82 19.69 -32.68 -24.71
CA SER B 82 20.25 -34.00 -24.43
C SER B 82 20.23 -34.35 -22.95
N ASN B 83 19.57 -33.56 -22.11
CA ASN B 83 19.51 -33.83 -20.68
C ASN B 83 18.13 -33.46 -20.16
N ARG B 84 17.43 -34.45 -19.60
CA ARG B 84 16.09 -34.22 -19.05
C ARG B 84 16.13 -33.42 -17.75
N GLN B 85 17.30 -33.21 -17.15
CA GLN B 85 17.42 -32.46 -15.91
C GLN B 85 17.72 -30.99 -16.13
N ILE B 86 17.97 -30.57 -17.36
CA ILE B 86 18.30 -29.18 -17.66
C ILE B 86 17.02 -28.43 -17.98
N LYS B 87 16.79 -27.33 -17.26
CA LYS B 87 15.66 -26.44 -17.51
C LYS B 87 16.16 -25.00 -17.52
N ILE B 88 15.72 -24.24 -18.51
CA ILE B 88 16.26 -22.91 -18.78
C ILE B 88 15.21 -21.85 -18.45
N VAL B 89 15.65 -20.79 -17.80
CA VAL B 89 14.82 -19.60 -17.54
C VAL B 89 15.56 -18.43 -18.18
N ASN B 90 15.11 -18.00 -19.35
CA ASN B 90 15.73 -16.90 -20.07
C ASN B 90 15.05 -15.59 -19.70
N LEU B 91 15.80 -14.67 -19.11
CA LEU B 91 15.27 -13.38 -18.72
C LEU B 91 15.23 -12.44 -19.92
N SER B 92 14.36 -11.42 -19.83
CA SER B 92 14.22 -10.47 -20.93
C SER B 92 15.47 -9.62 -21.11
N ARG B 93 16.17 -9.29 -20.03
CA ARG B 93 17.39 -8.52 -20.10
C ARG B 93 18.29 -8.93 -18.94
N ASN B 94 19.43 -8.24 -18.81
CA ASN B 94 20.38 -8.53 -17.75
C ASN B 94 19.91 -7.85 -16.46
N PHE B 95 19.58 -8.66 -15.46
CA PHE B 95 19.24 -8.17 -14.14
C PHE B 95 20.42 -8.41 -13.19
N GLY B 96 20.23 -8.12 -11.91
CA GLY B 96 21.25 -8.42 -10.94
C GLY B 96 21.45 -9.92 -10.77
N LYS B 97 22.63 -10.29 -10.27
CA LYS B 97 22.91 -11.69 -10.00
C LYS B 97 21.96 -12.25 -8.95
N GLU B 98 21.64 -11.45 -7.94
CA GLU B 98 20.68 -11.89 -6.93
C GLU B 98 19.27 -11.99 -7.51
N ILE B 99 18.92 -11.08 -8.42
CA ILE B 99 17.60 -11.12 -9.04
C ILE B 99 17.48 -12.32 -9.96
N ALA B 100 18.52 -12.60 -10.75
CA ALA B 100 18.51 -13.79 -11.60
C ALA B 100 18.45 -15.07 -10.77
N LEU B 101 19.00 -15.04 -9.56
CA LEU B 101 18.90 -16.19 -8.67
C LEU B 101 17.48 -16.35 -8.13
N SER B 102 16.83 -15.24 -7.77
CA SER B 102 15.45 -15.30 -7.30
C SER B 102 14.53 -15.85 -8.37
N ALA B 103 14.79 -15.51 -9.64
CA ALA B 103 13.96 -16.00 -10.73
C ALA B 103 14.04 -17.51 -10.85
N GLY B 104 15.23 -18.09 -10.62
CA GLY B 104 15.35 -19.54 -10.69
C GLY B 104 14.71 -20.23 -9.51
N ILE B 105 14.79 -19.64 -8.32
CA ILE B 105 14.15 -20.22 -7.15
C ILE B 105 12.64 -20.19 -7.29
N ASP B 106 12.10 -19.17 -7.96
CA ASP B 106 10.66 -19.11 -8.18
C ASP B 106 10.19 -20.25 -9.07
N TYR B 107 10.98 -20.61 -10.08
CA TYR B 107 10.63 -21.71 -10.97
C TYR B 107 11.22 -23.03 -10.50
N ALA B 108 11.72 -23.11 -9.27
CA ALA B 108 12.34 -24.32 -8.75
C ALA B 108 11.34 -25.09 -7.90
N GLN B 109 11.02 -26.30 -8.33
CA GLN B 109 10.21 -27.22 -7.55
C GLN B 109 11.12 -28.21 -6.84
N GLY B 110 10.65 -28.71 -5.70
CA GLY B 110 11.46 -29.65 -4.93
C GLY B 110 11.48 -29.37 -3.44
N ASN B 111 11.81 -30.38 -2.65
CA ASN B 111 11.80 -30.24 -1.20
C ASN B 111 12.99 -29.44 -0.69
N ALA B 112 14.08 -29.39 -1.46
CA ALA B 112 15.28 -28.67 -1.05
C ALA B 112 15.82 -27.89 -2.24
N VAL B 113 16.31 -26.68 -1.97
CA VAL B 113 16.87 -25.80 -2.99
C VAL B 113 18.26 -25.39 -2.54
N ILE B 114 19.23 -25.48 -3.45
CA ILE B 114 20.61 -25.10 -3.15
C ILE B 114 21.21 -24.37 -4.33
N PRO B 115 21.62 -23.11 -4.17
CA PRO B 115 22.24 -22.37 -5.27
C PRO B 115 23.74 -22.58 -5.35
N ILE B 116 24.24 -22.63 -6.59
CA ILE B 116 25.66 -22.82 -6.87
C ILE B 116 26.11 -21.75 -7.86
N ASP B 117 27.40 -21.46 -7.84
CA ASP B 117 28.00 -20.50 -8.76
C ASP B 117 28.55 -21.20 -10.00
N ALA B 118 28.76 -20.42 -11.06
CA ALA B 118 29.24 -20.98 -12.31
C ALA B 118 30.76 -21.11 -12.33
N ASP B 119 31.48 -20.15 -11.75
CA ASP B 119 32.92 -20.23 -11.66
C ASP B 119 33.37 -21.37 -10.75
N LEU B 120 32.51 -21.79 -9.82
CA LEU B 120 32.75 -22.95 -8.96
C LEU B 120 33.93 -22.72 -8.02
N GLN B 121 33.84 -21.71 -7.17
CA GLN B 121 34.88 -21.50 -6.16
C GLN B 121 34.79 -22.55 -5.06
N ASP B 122 33.57 -23.05 -4.78
CA ASP B 122 33.31 -24.05 -3.76
C ASP B 122 33.12 -25.42 -4.42
N PRO B 123 33.69 -26.47 -3.83
CA PRO B 123 33.60 -27.80 -4.44
C PRO B 123 32.18 -28.30 -4.47
N PRO B 124 31.71 -28.78 -5.62
CA PRO B 124 30.33 -29.31 -5.69
C PRO B 124 30.12 -30.57 -4.87
N GLU B 125 31.19 -31.32 -4.59
CA GLU B 125 31.05 -32.53 -3.77
C GLU B 125 30.57 -32.21 -2.36
N LEU B 126 30.64 -30.94 -1.95
CA LEU B 126 30.20 -30.54 -0.62
C LEU B 126 28.69 -30.65 -0.46
N ILE B 127 27.94 -30.73 -1.55
CA ILE B 127 26.49 -30.88 -1.44
C ILE B 127 26.12 -32.21 -0.81
N HIS B 128 27.01 -33.21 -0.90
CA HIS B 128 26.77 -34.48 -0.24
C HIS B 128 26.70 -34.33 1.27
N GLU B 129 27.44 -33.35 1.82
CA GLU B 129 27.42 -33.10 3.26
C GLU B 129 26.25 -32.21 3.66
N LEU B 130 25.86 -31.27 2.79
CA LEU B 130 24.75 -30.37 3.11
C LEU B 130 23.44 -31.14 3.22
N VAL B 131 23.18 -32.05 2.27
CA VAL B 131 21.94 -32.82 2.28
C VAL B 131 21.87 -33.74 3.48
N ASP B 132 23.03 -34.13 4.03
CA ASP B 132 23.03 -34.98 5.22
C ASP B 132 22.44 -34.26 6.42
N LYS B 133 22.85 -33.01 6.65
CA LYS B 133 22.26 -32.23 7.73
C LYS B 133 20.78 -31.95 7.47
N TRP B 134 20.40 -31.80 6.20
CA TRP B 134 18.99 -31.60 5.87
C TRP B 134 18.17 -32.84 6.17
N ARG B 135 18.75 -34.03 6.02
CA ARG B 135 18.05 -35.26 6.34
C ARG B 135 17.88 -35.45 7.84
N GLU B 136 18.68 -34.76 8.65
CA GLU B 136 18.55 -34.85 10.10
C GLU B 136 17.39 -34.03 10.64
N GLY B 137 16.89 -33.07 9.87
CA GLY B 137 15.78 -32.26 10.32
C GLY B 137 16.02 -30.77 10.18
N TYR B 138 17.26 -30.40 9.87
CA TYR B 138 17.60 -28.99 9.73
C TYR B 138 16.95 -28.41 8.49
N ASP B 139 16.24 -27.29 8.67
CA ASP B 139 15.56 -26.66 7.54
C ASP B 139 16.49 -25.81 6.69
N ILE B 140 17.48 -25.16 7.32
CA ILE B 140 18.47 -24.35 6.61
C ILE B 140 19.84 -24.85 7.00
N VAL B 141 20.65 -25.22 6.00
CA VAL B 141 22.00 -25.73 6.22
C VAL B 141 22.96 -24.91 5.38
N TYR B 142 23.89 -24.23 6.05
CA TYR B 142 24.89 -23.41 5.38
C TYR B 142 26.15 -24.24 5.10
N ALA B 143 26.98 -23.72 4.21
CA ALA B 143 28.26 -24.34 3.86
C ALA B 143 29.33 -23.24 3.95
N THR B 144 29.86 -23.04 5.15
CA THR B 144 30.85 -22.01 5.40
C THR B 144 32.25 -22.61 5.41
N ARG B 145 33.20 -21.86 4.85
CA ARG B 145 34.59 -22.28 4.87
C ARG B 145 35.22 -21.96 6.23
N ARG B 146 36.29 -22.68 6.54
CA ARG B 146 37.00 -22.51 7.80
C ARG B 146 38.21 -21.61 7.59
N SER B 147 38.35 -20.59 8.43
CA SER B 147 39.47 -19.66 8.34
C SER B 147 39.70 -18.97 9.67
N GLN B 156 37.09 -8.76 15.31
CA GLN B 156 36.97 -9.62 16.49
C GLN B 156 35.84 -9.14 17.39
N PHE B 157 35.88 -7.85 17.75
CA PHE B 157 34.81 -7.26 18.56
C PHE B 157 33.48 -7.30 17.83
N THR B 158 33.50 -7.26 16.50
CA THR B 158 32.27 -7.35 15.73
C THR B 158 31.64 -8.74 15.86
N ALA B 159 32.46 -9.78 15.82
CA ALA B 159 31.94 -11.14 15.96
C ALA B 159 31.34 -11.35 17.34
N LYS B 160 31.93 -10.75 18.37
CA LYS B 160 31.36 -10.82 19.71
C LYS B 160 30.06 -10.01 19.81
N MET B 161 29.87 -9.03 18.92
CA MET B 161 28.64 -8.23 18.93
C MET B 161 27.48 -9.01 18.33
N PHE B 162 27.64 -9.47 17.08
CA PHE B 162 26.52 -10.07 16.36
C PHE B 162 26.04 -11.37 17.01
N TYR B 163 26.92 -12.05 17.75
CA TYR B 163 26.51 -13.28 18.41
C TYR B 163 25.47 -13.02 19.49
N LYS B 164 25.47 -11.82 20.06
CA LYS B 164 24.53 -11.48 21.13
C LYS B 164 23.27 -10.79 20.62
N VAL B 165 23.27 -10.28 19.39
CA VAL B 165 22.11 -9.52 18.91
C VAL B 165 21.62 -10.03 17.56
N ILE B 166 22.52 -10.13 16.57
CA ILE B 166 22.10 -10.44 15.21
C ILE B 166 21.78 -11.93 15.06
N GLY B 167 22.80 -12.77 15.18
CA GLY B 167 22.59 -14.20 15.01
C GLY B 167 23.51 -15.05 15.87
N ARG B 168 23.01 -16.20 16.35
CA ARG B 168 23.83 -17.06 17.19
C ARG B 168 24.98 -17.68 16.40
N MET B 169 24.82 -17.82 15.09
CA MET B 169 25.83 -18.40 14.22
C MET B 169 26.45 -17.30 13.38
N THR B 170 27.38 -16.55 14.00
CA THR B 170 28.06 -15.47 13.30
C THR B 170 29.05 -16.00 12.25
N GLU B 171 29.49 -17.25 12.38
CA GLU B 171 30.43 -17.82 11.43
C GLU B 171 29.85 -17.95 10.02
N ILE B 172 28.54 -17.76 9.86
CA ILE B 172 27.94 -17.82 8.54
C ILE B 172 28.32 -16.59 7.72
N LYS B 173 28.38 -15.42 8.36
CA LYS B 173 28.68 -14.16 7.68
C LYS B 173 29.99 -13.57 8.18
N ILE B 174 31.00 -14.42 8.36
CA ILE B 174 32.33 -13.98 8.74
C ILE B 174 32.96 -13.30 7.54
N PRO B 175 34.00 -12.49 7.72
CA PRO B 175 34.67 -11.86 6.56
C PRO B 175 35.13 -12.87 5.52
N PRO B 176 35.81 -13.96 5.90
CA PRO B 176 36.39 -14.84 4.86
C PRO B 176 35.37 -15.71 4.12
N ASN B 177 34.08 -15.59 4.37
CA ASN B 177 33.11 -16.41 3.65
C ASN B 177 31.71 -15.84 3.84
N THR B 178 30.92 -15.84 2.77
CA THR B 178 29.52 -15.49 2.81
C THR B 178 28.69 -16.76 2.65
N GLY B 179 27.54 -16.79 3.33
CA GLY B 179 26.70 -17.97 3.34
C GLY B 179 25.84 -18.15 2.10
N ASP B 180 26.39 -17.80 0.94
CA ASP B 180 25.65 -17.95 -0.31
C ASP B 180 25.59 -19.38 -0.82
N PHE B 181 26.38 -20.28 -0.26
CA PHE B 181 26.32 -21.71 -0.58
C PHE B 181 25.59 -22.39 0.57
N ARG B 182 24.32 -22.73 0.35
CA ARG B 182 23.47 -23.23 1.41
C ARG B 182 22.36 -24.10 0.82
N LEU B 183 21.68 -24.82 1.70
CA LEU B 183 20.52 -25.63 1.34
C LEU B 183 19.34 -25.15 2.17
N MET B 184 18.19 -24.97 1.52
CA MET B 184 16.99 -24.47 2.18
C MET B 184 15.83 -25.42 1.90
N ASP B 185 15.07 -25.74 2.94
CA ASP B 185 13.91 -26.61 2.79
C ASP B 185 12.79 -25.86 2.08
N ARG B 186 11.82 -26.63 1.57
CA ARG B 186 10.70 -26.05 0.85
C ARG B 186 9.91 -25.08 1.73
N LYS B 187 9.84 -25.34 3.03
CA LYS B 187 9.08 -24.45 3.92
C LYS B 187 9.73 -23.06 3.99
N VAL B 188 11.05 -22.98 3.87
CA VAL B 188 11.72 -21.69 3.93
C VAL B 188 11.56 -20.92 2.63
N VAL B 189 11.69 -21.61 1.49
CA VAL B 189 11.51 -20.97 0.20
C VAL B 189 10.08 -20.45 0.05
N ASN B 190 9.10 -21.23 0.48
CA ASN B 190 7.71 -20.78 0.43
C ASN B 190 7.48 -19.63 1.39
N ALA B 191 8.21 -19.58 2.51
CA ALA B 191 7.97 -18.53 3.50
C ALA B 191 8.46 -17.17 3.02
N ILE B 192 9.51 -17.14 2.20
CA ILE B 192 10.11 -15.89 1.75
C ILE B 192 9.82 -15.63 0.27
N LYS B 193 8.76 -16.23 -0.28
CA LYS B 193 8.49 -16.11 -1.70
C LYS B 193 8.05 -14.69 -2.07
N GLN B 194 7.25 -14.06 -1.22
CA GLN B 194 6.69 -12.74 -1.52
C GLN B 194 7.53 -11.60 -0.95
N LEU B 195 8.58 -11.90 -0.20
CA LEU B 195 9.36 -10.85 0.45
C LEU B 195 10.35 -10.25 -0.53
N PRO B 196 10.43 -8.92 -0.63
CA PRO B 196 11.48 -8.32 -1.47
C PRO B 196 12.88 -8.57 -0.96
N GLU B 197 13.04 -8.94 0.32
CA GLU B 197 14.35 -9.22 0.89
C GLU B 197 14.88 -10.59 0.52
N ARG B 198 14.09 -11.42 -0.17
CA ARG B 198 14.60 -12.72 -0.62
C ARG B 198 15.74 -12.55 -1.62
N THR B 199 15.80 -11.41 -2.31
CA THR B 199 16.95 -11.11 -3.15
C THR B 199 18.22 -11.01 -2.32
N ARG B 200 18.15 -10.37 -1.16
CA ARG B 200 19.27 -10.24 -0.25
C ARG B 200 19.04 -11.07 1.00
N PHE B 201 18.87 -12.39 0.82
CA PHE B 201 18.55 -13.25 1.96
C PHE B 201 19.67 -13.33 2.98
N MET B 202 20.92 -13.13 2.53
CA MET B 202 22.07 -13.14 3.41
C MET B 202 22.36 -11.80 4.06
N LYS B 203 21.49 -10.80 3.85
CA LYS B 203 21.66 -9.49 4.45
C LYS B 203 20.99 -9.35 5.81
N GLY B 204 20.32 -10.40 6.28
CA GLY B 204 19.67 -10.35 7.58
C GLY B 204 18.38 -11.14 7.65
N LEU B 205 17.81 -11.48 6.50
CA LEU B 205 16.56 -12.23 6.49
C LEU B 205 16.74 -13.63 7.05
N PHE B 206 17.93 -14.22 6.90
CA PHE B 206 18.17 -15.55 7.43
C PHE B 206 18.11 -15.57 8.95
N ALA B 207 18.49 -14.48 9.60
CA ALA B 207 18.42 -14.40 11.06
C ALA B 207 17.01 -14.13 11.56
N TRP B 208 16.12 -13.67 10.69
CA TRP B 208 14.74 -13.38 11.09
C TRP B 208 13.82 -14.58 10.87
N VAL B 209 14.04 -15.36 9.80
CA VAL B 209 13.16 -16.48 9.51
C VAL B 209 13.30 -17.58 10.56
N GLY B 210 14.47 -17.67 11.21
CA GLY B 210 14.67 -18.65 12.24
C GLY B 210 14.86 -20.06 11.71
N TYR B 211 13.95 -20.97 12.09
CA TYR B 211 14.00 -22.38 11.69
C TYR B 211 15.26 -23.07 12.20
N ARG B 212 15.41 -24.35 11.90
CA ARG B 212 16.57 -25.11 12.34
C ARG B 212 17.74 -24.83 11.41
N GLN B 213 18.82 -24.28 11.95
CA GLN B 213 19.97 -23.87 11.16
C GLN B 213 21.24 -24.56 11.66
N THR B 214 22.13 -24.84 10.72
CA THR B 214 23.42 -25.45 11.00
C THR B 214 24.35 -25.18 9.82
N PHE B 215 25.60 -25.59 9.96
CA PHE B 215 26.58 -25.35 8.91
C PHE B 215 27.60 -26.49 8.90
N VAL B 216 28.32 -26.60 7.78
CA VAL B 216 29.41 -27.55 7.63
C VAL B 216 30.66 -26.77 7.22
N LEU B 217 31.82 -27.31 7.55
CA LEU B 217 33.10 -26.65 7.31
C LEU B 217 33.85 -27.33 6.18
N PHE B 218 34.61 -26.52 5.44
CA PHE B 218 35.42 -27.01 4.32
C PHE B 218 36.51 -25.98 4.05
N ASP B 219 37.46 -26.37 3.20
CA ASP B 219 38.57 -25.51 2.84
C ASP B 219 38.86 -25.65 1.36
N ARG B 220 39.74 -24.79 0.86
CA ARG B 220 40.13 -24.81 -0.55
C ARG B 220 41.45 -25.54 -0.75
N THR B 228 34.51 -9.66 -4.89
CA THR B 228 35.33 -9.00 -3.89
C THR B 228 34.88 -9.37 -2.48
N LYS B 229 33.97 -8.56 -1.94
CA LYS B 229 33.41 -8.75 -0.61
C LYS B 229 34.49 -8.82 0.45
N TRP B 230 34.19 -9.48 1.58
CA TRP B 230 35.13 -9.71 2.67
C TRP B 230 35.59 -8.43 3.36
N ASN B 231 35.21 -7.27 2.82
CA ASN B 231 35.59 -6.00 3.43
C ASN B 231 34.70 -5.71 4.64
N TYR B 232 35.34 -5.25 5.72
CA TYR B 232 34.59 -4.91 6.93
C TYR B 232 33.64 -3.75 6.70
N TRP B 233 33.97 -2.85 5.77
CA TRP B 233 33.05 -1.77 5.42
C TRP B 233 31.79 -2.31 4.76
N LYS B 234 31.92 -3.37 3.96
CA LYS B 234 30.77 -3.97 3.30
C LYS B 234 29.96 -4.86 4.23
N LEU B 235 30.52 -5.27 5.37
CA LEU B 235 29.80 -6.08 6.33
C LEU B 235 29.00 -5.21 7.31
N TRP B 236 29.60 -4.16 7.83
CA TRP B 236 28.84 -3.19 8.60
C TRP B 236 27.85 -2.43 7.74
N ASN B 237 28.04 -2.43 6.42
CA ASN B 237 26.99 -1.96 5.52
C ASN B 237 25.77 -2.86 5.57
N ALA B 238 25.99 -4.17 5.72
CA ALA B 238 24.87 -5.09 5.88
C ALA B 238 24.22 -4.95 7.25
N ALA B 239 25.00 -4.53 8.26
CA ALA B 239 24.42 -4.27 9.57
C ALA B 239 23.56 -3.01 9.56
N LEU B 240 24.04 -1.96 8.87
CA LEU B 240 23.24 -0.75 8.73
C LEU B 240 22.00 -1.02 7.88
N ASP B 241 22.15 -1.81 6.82
CA ASP B 241 21.00 -2.18 6.00
C ASP B 241 20.04 -3.09 6.73
N GLY B 242 20.48 -3.72 7.82
CA GLY B 242 19.64 -4.62 8.58
C GLY B 242 18.84 -3.94 9.67
N ILE B 243 19.45 -2.94 10.32
CA ILE B 243 18.75 -2.23 11.40
C ILE B 243 17.65 -1.33 10.85
N PHE B 244 17.76 -0.91 9.59
CA PHE B 244 16.72 -0.10 8.97
C PHE B 244 15.62 -0.93 8.32
N SER B 245 15.92 -2.16 7.94
CA SER B 245 14.96 -2.99 7.23
C SER B 245 14.07 -3.83 8.15
N PHE B 246 14.60 -4.27 9.29
CA PHE B 246 13.87 -5.13 10.21
C PHE B 246 13.54 -4.45 11.53
N SER B 247 13.68 -3.14 11.62
CA SER B 247 13.43 -2.45 12.87
C SER B 247 12.99 -1.01 12.59
N LEU B 248 12.25 -0.44 13.53
CA LEU B 248 11.84 0.95 13.49
C LEU B 248 12.58 1.81 14.51
N LEU B 249 13.61 1.26 15.15
CA LEU B 249 14.34 2.00 16.18
C LEU B 249 15.01 3.27 15.65
N PRO B 250 15.74 3.24 14.52
CA PRO B 250 16.38 4.49 14.06
C PRO B 250 15.40 5.62 13.81
N LEU B 251 14.17 5.30 13.43
CA LEU B 251 13.17 6.34 13.19
C LEU B 251 12.47 6.76 14.48
N LYS B 252 12.16 5.80 15.35
CA LYS B 252 11.43 6.12 16.57
C LYS B 252 12.31 6.86 17.58
N VAL B 253 13.54 6.39 17.78
CA VAL B 253 14.42 7.02 18.77
C VAL B 253 14.79 8.44 18.34
N TRP B 254 14.77 8.71 17.04
CA TRP B 254 15.08 10.06 16.57
C TRP B 254 13.86 10.96 16.59
N THR B 255 12.66 10.38 16.47
CA THR B 255 11.44 11.15 16.62
C THR B 255 11.28 11.65 18.05
N TYR B 256 11.52 10.77 19.03
CA TYR B 256 11.42 11.17 20.43
C TYR B 256 12.56 12.12 20.81
N LEU B 257 13.76 11.87 20.29
CA LEU B 257 14.88 12.77 20.59
C LEU B 257 14.65 14.15 19.99
N GLY B 258 14.22 14.20 18.73
CA GLY B 258 13.92 15.48 18.11
C GLY B 258 12.77 16.20 18.75
N SER B 259 11.84 15.45 19.36
CA SER B 259 10.69 16.07 20.01
C SER B 259 11.06 16.66 21.37
N ILE B 260 11.94 15.99 22.12
CA ILE B 260 12.31 16.51 23.44
C ILE B 260 13.29 17.67 23.31
N ILE B 261 14.14 17.68 22.29
CA ILE B 261 14.95 18.87 22.05
C ILE B 261 14.12 20.00 21.44
N SER B 262 12.95 19.68 20.89
CA SER B 262 12.05 20.72 20.40
C SER B 262 11.34 21.43 21.54
N LEU B 263 10.85 20.66 22.53
CA LEU B 263 10.23 21.29 23.69
C LEU B 263 11.26 22.06 24.51
N LEU B 264 12.51 21.59 24.56
CA LEU B 264 13.56 22.38 25.18
C LEU B 264 13.84 23.64 24.37
N SER B 265 13.72 23.56 23.05
CA SER B 265 13.98 24.73 22.21
C SER B 265 12.90 25.78 22.38
N LEU B 266 11.63 25.37 22.30
CA LEU B 266 10.53 26.34 22.36
C LEU B 266 10.36 26.89 23.77
N ALA B 267 10.56 26.06 24.80
CA ALA B 267 10.39 26.53 26.16
C ALA B 267 11.53 27.43 26.59
N TYR B 268 12.77 27.09 26.19
CA TYR B 268 13.89 27.94 26.51
C TYR B 268 13.83 29.26 25.75
N ALA B 269 13.25 29.25 24.55
CA ALA B 269 13.07 30.49 23.79
C ALA B 269 12.00 31.37 24.43
N SER B 270 10.92 30.75 24.94
CA SER B 270 9.91 31.52 25.64
C SER B 270 10.44 32.06 26.96
N PHE B 271 11.32 31.31 27.63
CA PHE B 271 11.95 31.80 28.85
C PHE B 271 13.04 32.81 28.55
N LEU B 272 13.77 32.63 27.43
CA LEU B 272 14.76 33.63 27.04
C LEU B 272 14.12 34.92 26.61
N ILE B 273 12.92 34.86 26.03
CA ILE B 273 12.14 36.04 25.69
C ILE B 273 11.26 36.50 26.85
N LEU B 274 11.33 35.83 28.00
CA LEU B 274 10.54 36.16 29.18
C LEU B 274 9.04 36.19 28.87
N VAL B 281 18.51 35.08 30.92
CA VAL B 281 19.80 34.71 31.46
C VAL B 281 20.96 35.29 30.68
N ASP B 282 22.06 34.53 30.59
CA ASP B 282 23.22 34.99 29.86
C ASP B 282 22.94 35.00 28.36
N VAL B 283 23.34 36.08 27.69
CA VAL B 283 23.12 36.23 26.26
C VAL B 283 24.48 36.33 25.57
N PRO B 284 25.11 35.20 25.22
CA PRO B 284 26.48 35.25 24.67
C PRO B 284 26.55 35.76 23.24
N GLY B 285 25.50 36.44 22.77
CA GLY B 285 25.50 37.06 21.46
C GLY B 285 25.80 36.10 20.33
N TYR B 286 26.98 36.22 19.74
CA TYR B 286 27.36 35.32 18.65
C TYR B 286 27.65 33.92 19.15
N ALA B 287 28.11 33.78 20.39
CA ALA B 287 28.43 32.47 20.95
C ALA B 287 27.20 31.59 21.16
N SER B 288 26.02 32.06 20.77
CA SER B 288 24.80 31.27 20.89
C SER B 288 23.95 31.42 19.63
N LEU B 289 23.91 32.64 19.09
CA LEU B 289 23.09 32.89 17.90
C LEU B 289 23.57 32.06 16.73
N MET B 290 24.88 31.89 16.58
CA MET B 290 25.40 31.01 15.54
C MET B 290 25.25 29.54 15.92
N VAL B 291 25.48 29.21 17.19
CA VAL B 291 25.39 27.83 17.64
C VAL B 291 23.99 27.28 17.46
N ALA B 292 22.97 28.09 17.79
CA ALA B 292 21.60 27.58 17.82
C ALA B 292 21.06 27.36 16.41
N ILE B 293 21.24 28.34 15.51
CA ILE B 293 20.67 28.20 14.18
C ILE B 293 21.37 27.09 13.40
N LEU B 294 22.67 26.93 13.60
CA LEU B 294 23.42 25.90 12.89
C LEU B 294 23.26 24.52 13.52
N PHE B 295 22.86 24.47 14.79
CA PHE B 295 22.53 23.19 15.43
C PHE B 295 21.15 22.70 14.98
N LEU B 296 20.15 23.57 15.06
CA LEU B 296 18.80 23.20 14.61
C LEU B 296 18.77 22.97 13.11
N GLY B 297 19.48 23.80 12.34
CA GLY B 297 19.55 23.61 10.90
C GLY B 297 20.27 22.34 10.48
N GLY B 298 21.09 21.78 11.35
CA GLY B 298 21.79 20.55 11.05
C GLY B 298 21.04 19.31 11.51
N VAL B 299 20.33 19.41 12.63
CA VAL B 299 19.58 18.28 13.14
C VAL B 299 18.34 18.00 12.31
N GLN B 300 17.86 18.98 11.55
CA GLN B 300 16.70 18.75 10.70
C GLN B 300 17.07 17.99 9.43
N LEU B 301 18.33 18.08 8.99
CA LEU B 301 18.76 17.37 7.80
C LEU B 301 18.92 15.88 8.04
N ILE B 302 19.39 15.48 9.23
CA ILE B 302 19.47 14.06 9.54
C ILE B 302 18.08 13.50 9.84
N SER B 303 17.19 14.31 10.43
CA SER B 303 15.80 13.90 10.58
C SER B 303 15.15 13.67 9.23
N LEU B 304 15.41 14.57 8.27
CA LEU B 304 14.97 14.33 6.90
C LEU B 304 15.72 13.18 6.25
N GLY B 305 16.87 12.78 6.82
CA GLY B 305 17.58 11.64 6.29
C GLY B 305 16.89 10.33 6.58
N VAL B 306 16.53 10.11 7.85
CA VAL B 306 15.83 8.88 8.21
C VAL B 306 14.42 8.86 7.62
N ILE B 307 13.82 10.02 7.42
CA ILE B 307 12.49 10.08 6.80
C ILE B 307 12.59 9.70 5.33
N GLY B 308 13.58 10.27 4.62
CA GLY B 308 13.77 9.91 3.23
C GLY B 308 14.19 8.48 3.02
N GLU B 309 14.96 7.92 3.96
CA GLU B 309 15.36 6.52 3.86
C GLU B 309 14.16 5.59 4.00
N TYR B 310 13.35 5.81 5.04
CA TYR B 310 12.19 4.96 5.23
C TYR B 310 11.13 5.18 4.16
N LEU B 311 11.06 6.40 3.61
CA LEU B 311 10.13 6.65 2.51
C LEU B 311 10.51 5.87 1.27
N GLY B 312 11.82 5.74 1.00
CA GLY B 312 12.26 4.93 -0.11
C GLY B 312 11.99 3.45 0.08
N ARG B 313 12.06 2.97 1.33
CA ARG B 313 11.74 1.58 1.61
C ARG B 313 10.25 1.32 1.50
N VAL B 314 9.42 2.29 1.91
CA VAL B 314 7.98 2.16 1.76
C VAL B 314 7.60 2.12 0.28
N TYR B 315 8.27 2.95 -0.52
CA TYR B 315 8.03 2.93 -1.97
C TYR B 315 8.37 1.56 -2.56
N GLU B 316 9.58 1.06 -2.25
CA GLU B 316 10.00 -0.24 -2.76
C GLU B 316 9.09 -1.36 -2.33
N GLU B 317 8.32 -1.17 -1.26
CA GLU B 317 7.37 -2.18 -0.79
C GLU B 317 6.02 -2.12 -1.50
N VAL B 318 5.67 -0.97 -2.08
CA VAL B 318 4.35 -0.81 -2.71
C VAL B 318 4.43 -0.83 -4.22
N LYS B 319 5.62 -0.96 -4.81
CA LYS B 319 5.72 -1.02 -6.26
C LYS B 319 4.99 -2.24 -6.80
N ALA B 320 4.26 -2.04 -7.89
CA ALA B 320 3.69 -3.16 -8.65
C ALA B 320 4.70 -3.76 -9.61
N ARG B 321 5.87 -3.15 -9.76
CA ARG B 321 6.87 -3.62 -10.71
C ARG B 321 7.59 -4.85 -10.15
N PRO B 322 7.64 -5.95 -10.89
CA PRO B 322 8.32 -7.14 -10.37
C PRO B 322 9.83 -6.98 -10.38
N LEU B 323 10.50 -7.97 -9.79
CA LEU B 323 11.96 -7.93 -9.73
C LEU B 323 12.59 -8.26 -11.08
N TYR B 324 11.94 -9.09 -11.88
CA TYR B 324 12.50 -9.55 -13.14
C TYR B 324 11.38 -9.80 -14.14
N LEU B 325 11.78 -10.17 -15.36
CA LEU B 325 10.85 -10.57 -16.40
C LEU B 325 11.45 -11.76 -17.14
N VAL B 326 10.60 -12.72 -17.48
CA VAL B 326 11.02 -13.94 -18.15
C VAL B 326 10.70 -13.83 -19.64
N SER B 327 11.72 -13.96 -20.47
CA SER B 327 11.51 -13.90 -21.92
C SER B 327 11.12 -15.25 -22.48
N ASP B 328 11.82 -16.32 -22.08
CA ASP B 328 11.58 -17.64 -22.61
C ASP B 328 11.80 -18.68 -21.52
N LEU B 329 11.19 -19.84 -21.72
CA LEU B 329 11.32 -20.95 -20.78
C LEU B 329 11.54 -22.24 -21.56
N TRP B 330 12.41 -23.11 -21.04
CA TRP B 330 12.70 -24.40 -21.65
C TRP B 330 12.60 -25.47 -20.58
N GLY B 331 11.68 -26.42 -20.76
CA GLY B 331 11.48 -27.46 -19.77
C GLY B 331 10.75 -27.02 -18.53
N LEU B 332 10.07 -25.88 -18.57
CA LEU B 332 9.35 -25.38 -17.41
C LEU B 332 8.04 -24.74 -17.86
N GLU B 333 7.14 -24.55 -16.90
CA GLU B 333 5.87 -23.86 -17.12
C GLU B 333 5.93 -22.48 -16.50
N TYR B 334 5.19 -21.55 -17.09
CA TYR B 334 5.13 -20.20 -16.56
C TYR B 334 4.42 -20.18 -15.21
N LEU B 335 4.83 -19.23 -14.36
CA LEU B 335 4.19 -19.05 -13.07
C LEU B 335 2.83 -18.39 -13.25
N PRO B 336 1.89 -18.63 -12.33
CA PRO B 336 0.55 -18.06 -12.48
C PRO B 336 0.59 -16.53 -12.46
N LEU B 337 -0.14 -15.93 -13.41
CA LEU B 337 -0.11 -14.49 -13.62
C LEU B 337 -0.77 -13.70 -12.50
N GLU B 338 -1.20 -14.34 -11.41
CA GLU B 338 -1.75 -13.62 -10.29
C GLU B 338 -0.69 -12.72 -9.64
N LYS B 339 0.38 -13.32 -9.15
CA LYS B 339 1.53 -12.60 -8.58
C LYS B 339 1.09 -11.63 -7.48
N PHE C 20 -50.41 -16.35 -10.86
CA PHE C 20 -49.37 -15.46 -11.36
C PHE C 20 -48.03 -16.18 -11.46
N GLN C 21 -47.02 -15.49 -11.97
CA GLN C 21 -45.68 -16.01 -12.10
C GLN C 21 -44.72 -15.21 -11.22
N SER C 22 -43.51 -15.74 -11.06
CA SER C 22 -42.51 -15.14 -10.18
C SER C 22 -41.35 -14.60 -10.99
N ASN C 23 -40.89 -13.41 -10.62
CA ASN C 23 -39.71 -12.78 -11.20
C ASN C 23 -38.57 -12.86 -10.20
N ALA C 24 -37.36 -13.12 -10.71
CA ALA C 24 -36.21 -13.37 -9.86
C ALA C 24 -35.25 -12.19 -9.77
N THR C 25 -35.42 -11.17 -10.60
CA THR C 25 -34.51 -10.04 -10.64
C THR C 25 -35.11 -8.84 -9.92
N ILE C 26 -34.27 -8.12 -9.18
CA ILE C 26 -34.69 -6.92 -8.45
C ILE C 26 -34.37 -5.71 -9.32
N GLU C 27 -35.39 -4.88 -9.57
CA GLU C 27 -35.23 -3.73 -10.45
C GLU C 27 -34.76 -2.48 -9.72
N LEU C 28 -35.24 -2.27 -8.50
CA LEU C 28 -34.93 -1.06 -7.75
C LEU C 28 -34.53 -1.43 -6.32
N SER C 29 -33.63 -0.63 -5.75
CA SER C 29 -33.19 -0.82 -4.37
C SER C 29 -33.25 0.52 -3.64
N ILE C 30 -33.94 0.55 -2.51
CA ILE C 30 -34.03 1.72 -1.65
C ILE C 30 -33.23 1.43 -0.39
N VAL C 31 -32.27 2.29 -0.09
CA VAL C 31 -31.36 2.10 1.04
C VAL C 31 -31.62 3.20 2.06
N ILE C 32 -31.91 2.82 3.29
CA ILE C 32 -32.19 3.78 4.36
C ILE C 32 -31.29 3.51 5.55
N PRO C 33 -30.34 4.39 5.86
CA PRO C 33 -29.63 4.29 7.15
C PRO C 33 -30.51 4.81 8.28
N MET C 34 -30.58 4.06 9.37
CA MET C 34 -31.49 4.37 10.47
C MET C 34 -30.71 4.50 11.77
N TYR C 35 -30.84 5.66 12.43
CA TYR C 35 -30.30 5.88 13.76
C TYR C 35 -31.35 6.60 14.59
N ASN C 36 -31.93 5.88 15.55
CA ASN C 36 -32.95 6.41 16.45
C ASN C 36 -34.16 6.91 15.66
N GLU C 37 -34.74 6.00 14.88
CA GLU C 37 -35.90 6.28 14.05
C GLU C 37 -37.07 5.40 14.44
N GLU C 38 -37.25 5.20 15.75
CA GLU C 38 -38.31 4.31 16.24
C GLU C 38 -39.69 4.82 15.88
N ASP C 39 -39.89 6.15 15.94
CA ASP C 39 -41.21 6.71 15.69
C ASP C 39 -41.56 6.74 14.21
N ASN C 40 -40.60 7.09 13.36
CA ASN C 40 -40.88 7.35 11.95
C ASN C 40 -41.01 6.08 11.11
N LEU C 41 -40.83 4.89 11.70
CA LEU C 41 -40.85 3.67 10.90
C LEU C 41 -42.24 3.38 10.35
N GLU C 42 -43.28 3.55 11.17
CA GLU C 42 -44.64 3.25 10.72
C GLU C 42 -45.04 4.13 9.53
N HIS C 43 -44.73 5.43 9.62
CA HIS C 43 -45.08 6.34 8.53
C HIS C 43 -44.15 6.15 7.33
N LEU C 44 -42.90 5.72 7.58
CA LEU C 44 -41.93 5.60 6.48
C LEU C 44 -42.31 4.46 5.54
N PHE C 45 -42.49 3.26 6.09
CA PHE C 45 -42.74 2.09 5.25
C PHE C 45 -44.08 2.19 4.54
N ALA C 46 -45.08 2.77 5.20
CA ALA C 46 -46.40 2.89 4.59
C ALA C 46 -46.39 3.89 3.44
N ARG C 47 -45.81 5.07 3.66
CA ARG C 47 -45.76 6.08 2.62
C ARG C 47 -44.86 5.63 1.46
N LEU C 48 -43.79 4.89 1.75
CA LEU C 48 -42.94 4.38 0.67
C LEU C 48 -43.67 3.31 -0.14
N LEU C 49 -44.49 2.49 0.51
CA LEU C 49 -45.22 1.45 -0.21
C LEU C 49 -46.26 2.05 -1.14
N GLU C 50 -46.87 3.17 -0.75
CA GLU C 50 -47.85 3.82 -1.61
C GLU C 50 -47.21 4.47 -2.83
N VAL C 51 -45.88 4.62 -2.84
CA VAL C 51 -45.17 5.26 -3.95
C VAL C 51 -44.59 4.20 -4.86
N LEU C 52 -44.14 3.09 -4.28
CA LEU C 52 -43.48 2.03 -5.04
C LEU C 52 -44.46 1.08 -5.72
N THR C 53 -45.68 0.95 -5.21
CA THR C 53 -46.62 -0.02 -5.77
C THR C 53 -47.05 0.32 -7.20
N PRO C 54 -47.43 1.56 -7.52
CA PRO C 54 -47.91 1.83 -8.90
C PRO C 54 -46.86 1.61 -9.98
N LEU C 55 -45.58 1.51 -9.63
CA LEU C 55 -44.54 1.36 -10.64
C LEU C 55 -44.56 -0.02 -11.29
N LYS C 56 -45.14 -1.02 -10.63
CA LYS C 56 -45.24 -2.38 -11.18
C LYS C 56 -43.87 -2.97 -11.51
N ILE C 57 -42.87 -2.64 -10.68
CA ILE C 57 -41.53 -3.17 -10.83
C ILE C 57 -41.06 -3.71 -9.49
N THR C 58 -40.22 -4.74 -9.54
CA THR C 58 -39.72 -5.36 -8.32
C THR C 58 -38.74 -4.43 -7.61
N TYR C 59 -38.80 -4.43 -6.28
CA TYR C 59 -37.99 -3.53 -5.48
C TYR C 59 -37.60 -4.22 -4.18
N GLU C 60 -36.76 -3.52 -3.40
CA GLU C 60 -36.35 -4.00 -2.10
C GLU C 60 -35.97 -2.80 -1.23
N ILE C 61 -36.14 -2.97 0.08
CA ILE C 61 -35.84 -1.91 1.05
C ILE C 61 -34.76 -2.44 1.97
N ILE C 62 -33.56 -1.86 1.88
CA ILE C 62 -32.42 -2.23 2.71
C ILE C 62 -32.36 -1.25 3.87
N CYS C 63 -32.68 -1.71 5.07
CA CYS C 63 -32.65 -0.89 6.27
C CYS C 63 -31.37 -1.18 7.04
N VAL C 64 -30.55 -0.16 7.22
CA VAL C 64 -29.26 -0.30 7.91
C VAL C 64 -29.41 0.25 9.31
N ASN C 65 -29.41 -0.64 10.30
CA ASN C 65 -29.44 -0.22 11.71
C ASN C 65 -28.04 0.25 12.07
N ASP C 66 -27.91 1.55 12.36
CA ASP C 66 -26.61 2.18 12.56
C ASP C 66 -26.38 2.43 14.05
N GLY C 67 -26.29 1.32 14.78
CA GLY C 67 -26.02 1.37 16.20
C GLY C 67 -27.03 2.18 16.99
N SER C 68 -28.32 1.93 16.74
CA SER C 68 -29.37 2.67 17.43
C SER C 68 -29.39 2.32 18.91
N LYS C 69 -29.73 3.33 19.73
CA LYS C 69 -29.78 3.16 21.18
C LYS C 69 -31.18 2.85 21.71
N ASP C 70 -32.23 3.09 20.93
CA ASP C 70 -33.58 2.78 21.37
C ASP C 70 -34.04 1.43 20.82
N LYS C 71 -35.35 1.30 20.59
CA LYS C 71 -35.94 0.06 20.09
C LYS C 71 -36.22 0.11 18.58
N THR C 72 -35.37 0.80 17.82
CA THR C 72 -35.55 0.85 16.38
C THR C 72 -35.34 -0.51 15.74
N LEU C 73 -34.34 -1.27 16.23
CA LEU C 73 -34.05 -2.57 15.65
C LEU C 73 -35.19 -3.57 15.91
N LYS C 74 -35.74 -3.55 17.12
CA LYS C 74 -36.85 -4.46 17.43
C LYS C 74 -38.05 -4.20 16.54
N GLN C 75 -38.31 -2.93 16.22
CA GLN C 75 -39.40 -2.60 15.32
C GLN C 75 -39.06 -2.96 13.87
N LEU C 76 -37.79 -2.84 13.49
CA LEU C 76 -37.38 -3.25 12.14
C LEU C 76 -37.61 -4.74 11.93
N ILE C 77 -37.30 -5.57 12.92
CA ILE C 77 -37.48 -7.01 12.79
C ILE C 77 -38.95 -7.35 12.63
N ASP C 78 -39.83 -6.60 13.30
CA ASP C 78 -41.26 -6.85 13.16
C ASP C 78 -41.74 -6.53 11.75
N CYS C 79 -41.25 -5.42 11.17
CA CYS C 79 -41.57 -5.13 9.78
C CYS C 79 -40.95 -6.15 8.83
N TYR C 80 -39.81 -6.73 9.22
CA TYR C 80 -39.15 -7.73 8.38
C TYR C 80 -39.96 -9.02 8.32
N GLN C 81 -40.67 -9.37 9.40
CA GLN C 81 -41.34 -10.66 9.45
C GLN C 81 -42.60 -10.69 8.59
N SER C 82 -43.22 -9.54 8.35
CA SER C 82 -44.48 -9.47 7.63
C SER C 82 -44.34 -8.80 6.26
N ASN C 83 -43.12 -8.48 5.84
CA ASN C 83 -42.88 -7.82 4.55
C ASN C 83 -41.64 -8.46 3.92
N ARG C 84 -41.84 -9.14 2.79
CA ARG C 84 -40.73 -9.81 2.12
C ARG C 84 -39.79 -8.84 1.42
N GLN C 85 -40.13 -7.56 1.35
CA GLN C 85 -39.25 -6.56 0.75
C GLN C 85 -38.41 -5.82 1.77
N ILE C 86 -38.57 -6.12 3.06
CA ILE C 86 -37.79 -5.48 4.11
C ILE C 86 -36.59 -6.35 4.43
N LYS C 87 -35.39 -5.78 4.34
CA LYS C 87 -34.15 -6.47 4.69
C LYS C 87 -33.34 -5.57 5.60
N ILE C 88 -32.70 -6.17 6.60
CA ILE C 88 -32.05 -5.43 7.68
C ILE C 88 -30.55 -5.72 7.66
N VAL C 89 -29.76 -4.66 7.81
CA VAL C 89 -28.31 -4.76 7.95
C VAL C 89 -27.97 -4.09 9.28
N ASN C 90 -27.68 -4.90 10.31
CA ASN C 90 -27.37 -4.38 11.63
C ASN C 90 -25.86 -4.25 11.77
N LEU C 91 -25.39 -3.02 11.94
CA LEU C 91 -23.97 -2.78 12.12
C LEU C 91 -23.55 -3.07 13.56
N SER C 92 -22.25 -3.31 13.74
CA SER C 92 -21.76 -3.66 15.07
C SER C 92 -21.86 -2.49 16.04
N ARG C 93 -21.69 -1.26 15.55
CA ARG C 93 -21.78 -0.07 16.38
C ARG C 93 -22.26 1.09 15.50
N ASN C 94 -22.32 2.28 16.09
CA ASN C 94 -22.76 3.46 15.36
C ASN C 94 -21.60 4.03 14.56
N PHE C 95 -21.77 4.07 13.24
CA PHE C 95 -20.83 4.72 12.33
C PHE C 95 -21.46 6.01 11.81
N GLY C 96 -20.75 6.69 10.93
CA GLY C 96 -21.31 7.86 10.28
C GLY C 96 -22.44 7.50 9.34
N LYS C 97 -23.24 8.51 8.99
CA LYS C 97 -24.29 8.30 8.00
C LYS C 97 -23.69 7.90 6.66
N GLU C 98 -22.53 8.47 6.30
CA GLU C 98 -21.86 8.07 5.07
C GLU C 98 -21.49 6.59 5.10
N ILE C 99 -20.96 6.12 6.23
CA ILE C 99 -20.55 4.73 6.33
C ILE C 99 -21.75 3.80 6.38
N ALA C 100 -22.78 4.19 7.13
CA ALA C 100 -23.99 3.37 7.20
C ALA C 100 -24.68 3.28 5.85
N LEU C 101 -24.57 4.32 5.03
CA LEU C 101 -25.17 4.29 3.69
C LEU C 101 -24.35 3.42 2.75
N SER C 102 -23.02 3.46 2.85
CA SER C 102 -22.18 2.61 2.01
C SER C 102 -22.39 1.14 2.33
N ALA C 103 -22.61 0.82 3.61
CA ALA C 103 -22.85 -0.57 4.00
C ALA C 103 -24.14 -1.09 3.38
N GLY C 104 -25.17 -0.26 3.30
CA GLY C 104 -26.42 -0.69 2.71
C GLY C 104 -26.32 -0.86 1.20
N ILE C 105 -25.56 0.00 0.54
CA ILE C 105 -25.38 -0.12 -0.91
C ILE C 105 -24.61 -1.39 -1.24
N ASP C 106 -23.70 -1.82 -0.37
CA ASP C 106 -22.95 -3.04 -0.61
C ASP C 106 -23.86 -4.26 -0.65
N TYR C 107 -24.83 -4.32 0.26
CA TYR C 107 -25.77 -5.44 0.32
C TYR C 107 -27.00 -5.22 -0.55
N ALA C 108 -26.98 -4.23 -1.42
CA ALA C 108 -28.13 -3.91 -2.26
C ALA C 108 -27.92 -4.48 -3.66
N GLN C 109 -28.76 -5.44 -4.04
CA GLN C 109 -28.77 -5.99 -5.39
C GLN C 109 -29.95 -5.41 -6.14
N GLY C 110 -29.68 -4.89 -7.33
CA GLY C 110 -30.71 -4.22 -8.11
C GLY C 110 -30.16 -3.36 -9.23
N ASN C 111 -30.95 -3.14 -10.28
CA ASN C 111 -30.46 -2.39 -11.43
C ASN C 111 -30.28 -0.91 -11.11
N ALA C 112 -31.04 -0.40 -10.14
CA ALA C 112 -30.95 0.99 -9.72
C ALA C 112 -30.94 1.06 -8.20
N VAL C 113 -30.22 2.05 -7.67
CA VAL C 113 -30.08 2.25 -6.23
C VAL C 113 -30.46 3.69 -5.90
N ILE C 114 -31.34 3.85 -4.92
CA ILE C 114 -31.78 5.17 -4.47
C ILE C 114 -31.68 5.26 -2.96
N PRO C 115 -30.81 6.10 -2.41
CA PRO C 115 -30.78 6.31 -0.95
C PRO C 115 -31.72 7.43 -0.51
N ILE C 116 -32.45 7.17 0.58
CA ILE C 116 -33.38 8.12 1.16
C ILE C 116 -33.12 8.20 2.66
N ASP C 117 -33.50 9.34 3.24
CA ASP C 117 -33.41 9.54 4.67
C ASP C 117 -34.66 9.04 5.37
N ALA C 118 -34.51 8.72 6.66
CA ALA C 118 -35.61 8.17 7.43
C ALA C 118 -36.57 9.24 7.93
N ASP C 119 -36.07 10.43 8.25
CA ASP C 119 -36.93 11.50 8.72
C ASP C 119 -37.73 12.16 7.59
N LEU C 120 -37.53 11.72 6.35
CA LEU C 120 -38.35 12.13 5.21
C LEU C 120 -38.30 13.64 5.01
N GLN C 121 -37.11 14.13 4.69
CA GLN C 121 -36.92 15.55 4.43
C GLN C 121 -37.24 15.92 2.99
N ASP C 122 -37.10 14.97 2.06
CA ASP C 122 -37.41 15.17 0.66
C ASP C 122 -38.56 14.26 0.25
N PRO C 123 -39.47 14.75 -0.60
CA PRO C 123 -40.66 13.96 -0.94
C PRO C 123 -40.30 12.70 -1.71
N PRO C 124 -40.85 11.55 -1.32
CA PRO C 124 -40.51 10.29 -2.01
C PRO C 124 -41.15 10.16 -3.37
N GLU C 125 -42.15 10.98 -3.71
CA GLU C 125 -42.80 10.90 -5.01
C GLU C 125 -41.86 11.20 -6.17
N LEU C 126 -40.68 11.78 -5.89
CA LEU C 126 -39.69 12.04 -6.92
C LEU C 126 -39.11 10.76 -7.52
N ILE C 127 -39.32 9.61 -6.88
CA ILE C 127 -38.80 8.35 -7.42
C ILE C 127 -39.42 8.06 -8.78
N HIS C 128 -40.70 8.39 -8.96
CA HIS C 128 -41.36 8.20 -10.24
C HIS C 128 -40.66 8.97 -11.35
N GLU C 129 -40.10 10.15 -11.02
CA GLU C 129 -39.38 10.93 -12.01
C GLU C 129 -37.96 10.42 -12.20
N LEU C 130 -37.33 9.95 -11.12
CA LEU C 130 -35.96 9.43 -11.23
C LEU C 130 -35.91 8.18 -12.09
N VAL C 131 -36.85 7.26 -11.87
CA VAL C 131 -36.89 6.03 -12.67
C VAL C 131 -37.18 6.35 -14.13
N ASP C 132 -38.02 7.35 -14.37
CA ASP C 132 -38.32 7.77 -15.74
C ASP C 132 -37.05 8.22 -16.46
N LYS C 133 -36.28 9.11 -15.83
CA LYS C 133 -35.01 9.54 -16.41
C LYS C 133 -34.03 8.38 -16.51
N TRP C 134 -34.08 7.43 -15.57
CA TRP C 134 -33.21 6.27 -15.62
C TRP C 134 -33.56 5.37 -16.81
N ARG C 135 -34.85 5.22 -17.10
CA ARG C 135 -35.26 4.44 -18.26
C ARG C 135 -34.98 5.15 -19.57
N GLU C 136 -34.72 6.46 -19.53
CA GLU C 136 -34.34 7.18 -20.74
C GLU C 136 -32.88 6.96 -21.13
N GLY C 137 -32.05 6.48 -20.20
CA GLY C 137 -30.67 6.17 -20.52
C GLY C 137 -29.65 6.80 -19.59
N TYR C 138 -30.12 7.60 -18.62
CA TYR C 138 -29.22 8.27 -17.70
C TYR C 138 -28.76 7.31 -16.61
N ASP C 139 -27.45 7.26 -16.39
CA ASP C 139 -26.89 6.35 -15.39
C ASP C 139 -27.01 6.91 -13.99
N ILE C 140 -26.91 8.23 -13.83
CA ILE C 140 -27.06 8.89 -12.54
C ILE C 140 -28.06 10.04 -12.71
N VAL C 141 -29.12 10.03 -11.91
CA VAL C 141 -30.14 11.06 -11.94
C VAL C 141 -30.26 11.64 -10.54
N TYR C 142 -30.00 12.93 -10.42
CA TYR C 142 -30.09 13.61 -9.14
C TYR C 142 -31.46 14.27 -8.98
N ALA C 143 -31.76 14.65 -7.74
CA ALA C 143 -33.00 15.35 -7.40
C ALA C 143 -32.62 16.54 -6.53
N THR C 144 -32.29 17.66 -7.16
CA THR C 144 -31.88 18.87 -6.47
C THR C 144 -33.08 19.79 -6.28
N ARG C 145 -33.13 20.47 -5.14
CA ARG C 145 -34.21 21.38 -4.86
C ARG C 145 -34.10 22.64 -5.71
N ARG C 146 -35.23 23.27 -5.98
CA ARG C 146 -35.29 24.47 -6.81
C ARG C 146 -35.40 25.68 -5.89
N SER C 147 -34.33 26.45 -5.79
CA SER C 147 -34.28 27.63 -4.95
C SER C 147 -33.63 28.77 -5.72
N ARG C 148 -34.39 29.82 -5.99
CA ARG C 148 -33.89 31.00 -6.67
C ARG C 148 -33.44 32.08 -5.70
N GLN C 149 -33.60 31.87 -4.41
CA GLN C 149 -33.21 32.85 -3.41
C GLN C 149 -31.70 32.77 -3.14
N GLY C 150 -31.17 33.85 -2.58
CA GLY C 150 -29.75 33.92 -2.28
C GLY C 150 -28.86 34.26 -3.45
N GLU C 151 -29.42 34.82 -4.51
CA GLU C 151 -28.62 35.21 -5.68
C GLU C 151 -27.71 36.37 -5.30
N THR C 152 -26.40 36.17 -5.38
CA THR C 152 -25.44 37.19 -5.01
C THR C 152 -24.22 37.06 -5.91
N TRP C 153 -23.25 37.96 -5.70
CA TRP C 153 -22.02 37.92 -6.49
C TRP C 153 -21.12 36.75 -6.07
N VAL C 154 -21.16 36.38 -4.80
CA VAL C 154 -20.36 35.25 -4.34
C VAL C 154 -20.88 33.94 -4.94
N LYS C 155 -22.21 33.82 -5.06
CA LYS C 155 -22.78 32.64 -5.70
C LYS C 155 -22.43 32.58 -7.18
N GLN C 156 -22.34 33.73 -7.84
CA GLN C 156 -21.93 33.75 -9.24
C GLN C 156 -20.46 33.40 -9.40
N PHE C 157 -19.63 33.74 -8.42
CA PHE C 157 -18.21 33.39 -8.48
C PHE C 157 -18.02 31.89 -8.30
N THR C 158 -18.70 31.30 -7.31
CA THR C 158 -18.57 29.86 -7.08
C THR C 158 -19.14 29.07 -8.25
N ALA C 159 -20.25 29.54 -8.82
CA ALA C 159 -20.84 28.84 -9.96
C ALA C 159 -19.96 28.94 -11.19
N LYS C 160 -19.29 30.08 -11.39
CA LYS C 160 -18.41 30.23 -12.54
C LYS C 160 -17.14 29.42 -12.40
N MET C 161 -16.66 29.23 -11.17
CA MET C 161 -15.43 28.47 -10.96
C MET C 161 -15.67 26.97 -10.96
N PHE C 162 -16.83 26.52 -10.46
CA PHE C 162 -17.13 25.10 -10.43
C PHE C 162 -17.67 24.59 -11.76
N TYR C 163 -18.27 25.46 -12.56
CA TYR C 163 -18.75 25.06 -13.89
C TYR C 163 -17.60 24.68 -14.82
N LYS C 164 -16.39 25.14 -14.54
CA LYS C 164 -15.25 24.85 -15.41
C LYS C 164 -14.79 23.40 -15.30
N VAL C 165 -15.22 22.67 -14.28
CA VAL C 165 -14.74 21.30 -14.06
C VAL C 165 -15.90 20.33 -13.94
N ILE C 166 -17.00 20.76 -13.31
CA ILE C 166 -18.10 19.83 -13.05
C ILE C 166 -18.99 19.68 -14.30
N GLY C 167 -19.25 20.78 -15.00
CA GLY C 167 -20.02 20.75 -16.22
C GLY C 167 -21.38 21.40 -16.04
N ARG C 168 -22.26 21.12 -17.02
CA ARG C 168 -23.59 21.72 -16.99
C ARG C 168 -24.41 21.21 -15.81
N MET C 169 -24.06 20.04 -15.28
CA MET C 169 -24.77 19.45 -14.16
C MET C 169 -24.41 20.08 -12.82
N THR C 170 -23.43 20.99 -12.80
CA THR C 170 -22.92 21.60 -11.57
C THR C 170 -24.00 22.26 -10.73
N GLU C 171 -25.19 22.45 -11.28
CA GLU C 171 -26.29 23.06 -10.54
C GLU C 171 -26.82 22.16 -9.44
N ILE C 172 -26.28 20.94 -9.29
CA ILE C 172 -26.81 19.97 -8.35
C ILE C 172 -26.29 20.31 -6.97
N LYS C 173 -25.41 21.32 -6.89
CA LYS C 173 -24.87 21.78 -5.61
C LYS C 173 -24.87 23.31 -5.55
N ILE C 174 -26.05 23.88 -5.33
CA ILE C 174 -26.16 25.24 -4.84
C ILE C 174 -25.97 25.16 -3.33
N PRO C 175 -25.66 26.26 -2.64
CA PRO C 175 -25.49 26.19 -1.17
C PRO C 175 -26.69 25.56 -0.46
N PRO C 176 -27.96 25.87 -0.85
CA PRO C 176 -29.07 25.31 -0.07
C PRO C 176 -29.52 23.92 -0.48
N ASN C 177 -28.69 23.15 -1.18
CA ASN C 177 -29.05 21.78 -1.52
C ASN C 177 -27.81 20.98 -1.89
N THR C 178 -27.92 19.67 -1.74
CA THR C 178 -26.87 18.75 -2.16
C THR C 178 -27.44 17.70 -3.10
N GLY C 179 -26.66 16.66 -3.39
CA GLY C 179 -27.12 15.62 -4.28
C GLY C 179 -27.30 14.27 -3.61
N ASP C 180 -27.65 14.29 -2.33
CA ASP C 180 -27.82 13.06 -1.57
C ASP C 180 -29.08 12.28 -1.96
N PHE C 181 -29.98 12.90 -2.72
CA PHE C 181 -31.18 12.23 -3.23
C PHE C 181 -30.94 11.97 -4.72
N ARG C 182 -30.61 10.73 -5.06
CA ARG C 182 -30.16 10.41 -6.40
C ARG C 182 -30.46 8.95 -6.73
N LEU C 183 -30.39 8.65 -8.03
CA LEU C 183 -30.50 7.29 -8.54
C LEU C 183 -29.21 6.95 -9.25
N MET C 184 -28.67 5.76 -8.98
CA MET C 184 -27.42 5.31 -9.57
C MET C 184 -27.62 3.95 -10.22
N ASP C 185 -27.13 3.80 -11.44
CA ASP C 185 -27.22 2.51 -12.13
C ASP C 185 -26.26 1.50 -11.50
N ARG C 186 -26.53 0.22 -11.76
CA ARG C 186 -25.69 -0.84 -11.23
C ARG C 186 -24.25 -0.71 -11.71
N LYS C 187 -24.03 -0.18 -12.92
CA LYS C 187 -22.68 0.00 -13.41
C LYS C 187 -21.92 1.04 -12.59
N VAL C 188 -22.61 2.02 -12.02
CA VAL C 188 -21.94 3.07 -11.27
C VAL C 188 -21.58 2.58 -9.87
N VAL C 189 -22.49 1.85 -9.22
CA VAL C 189 -22.20 1.36 -7.87
C VAL C 189 -21.12 0.28 -7.92
N ASN C 190 -21.05 -0.48 -9.02
CA ASN C 190 -19.99 -1.49 -9.14
C ASN C 190 -18.64 -0.84 -9.39
N ALA C 191 -18.62 0.27 -10.14
CA ALA C 191 -17.36 0.92 -10.48
C ALA C 191 -16.67 1.50 -9.26
N ILE C 192 -17.42 1.84 -8.23
CA ILE C 192 -16.88 2.46 -7.02
C ILE C 192 -17.06 1.55 -5.81
N LYS C 193 -17.25 0.25 -6.03
CA LYS C 193 -17.49 -0.67 -4.91
C LYS C 193 -16.26 -0.80 -4.01
N GLN C 194 -15.08 -0.91 -4.61
CA GLN C 194 -13.85 -1.13 -3.88
C GLN C 194 -13.16 0.17 -3.46
N LEU C 195 -13.71 1.33 -3.82
CA LEU C 195 -13.08 2.60 -3.51
C LEU C 195 -13.48 3.06 -2.12
N PRO C 196 -12.53 3.41 -1.26
CA PRO C 196 -12.90 3.96 0.06
C PRO C 196 -13.56 5.33 -0.01
N GLU C 197 -13.43 6.03 -1.15
CA GLU C 197 -14.02 7.35 -1.30
C GLU C 197 -15.52 7.32 -1.57
N ARG C 198 -16.13 6.12 -1.59
CA ARG C 198 -17.55 6.03 -1.88
C ARG C 198 -18.41 6.67 -0.80
N THR C 199 -17.91 6.74 0.43
CA THR C 199 -18.64 7.42 1.49
C THR C 199 -18.83 8.90 1.17
N ARG C 200 -17.83 9.51 0.55
CA ARG C 200 -17.92 10.90 0.12
C ARG C 200 -18.11 10.97 -1.39
N PHE C 201 -19.05 10.19 -1.91
CA PHE C 201 -19.31 10.18 -3.34
C PHE C 201 -19.74 11.56 -3.83
N MET C 202 -20.49 12.29 -3.01
CA MET C 202 -20.92 13.64 -3.33
C MET C 202 -19.92 14.70 -2.86
N LYS C 203 -18.66 14.33 -2.70
CA LYS C 203 -17.61 15.30 -2.39
C LYS C 203 -16.68 15.54 -3.58
N GLY C 204 -16.92 14.89 -4.71
CA GLY C 204 -16.09 15.05 -5.88
C GLY C 204 -16.06 13.82 -6.76
N LEU C 205 -16.30 12.65 -6.16
CA LEU C 205 -16.26 11.40 -6.92
C LEU C 205 -17.35 11.35 -8.00
N PHE C 206 -18.48 12.02 -7.76
CA PHE C 206 -19.54 12.05 -8.76
C PHE C 206 -19.08 12.70 -10.05
N ALA C 207 -18.20 13.70 -9.96
CA ALA C 207 -17.70 14.37 -11.15
C ALA C 207 -16.54 13.63 -11.80
N TRP C 208 -15.90 12.70 -11.07
CA TRP C 208 -14.79 11.96 -11.63
C TRP C 208 -15.24 10.73 -12.41
N VAL C 209 -16.37 10.12 -12.02
CA VAL C 209 -16.83 8.92 -12.72
C VAL C 209 -17.31 9.28 -14.13
N GLY C 210 -17.88 10.47 -14.31
CA GLY C 210 -18.17 11.00 -15.63
C GLY C 210 -19.27 10.31 -16.42
N TYR C 211 -20.08 9.48 -15.77
CA TYR C 211 -21.17 8.80 -16.49
C TYR C 211 -22.23 9.81 -16.94
N ARG C 212 -23.27 9.31 -17.59
CA ARG C 212 -24.37 10.16 -18.03
C ARG C 212 -25.15 10.66 -16.83
N GLN C 213 -25.19 11.98 -16.64
CA GLN C 213 -25.77 12.57 -15.46
C GLN C 213 -26.81 13.62 -15.84
N THR C 214 -27.82 13.76 -14.98
CA THR C 214 -28.85 14.78 -15.11
C THR C 214 -29.52 14.92 -13.75
N PHE C 215 -30.40 15.92 -13.63
CA PHE C 215 -31.08 16.18 -12.38
C PHE C 215 -32.56 16.49 -12.64
N VAL C 216 -33.34 16.46 -11.56
CA VAL C 216 -34.75 16.80 -11.58
C VAL C 216 -35.01 17.80 -10.47
N LEU C 217 -35.78 18.84 -10.78
CA LEU C 217 -36.01 19.94 -9.86
C LEU C 217 -37.31 19.75 -9.09
N PHE C 218 -37.36 20.31 -7.88
CA PHE C 218 -38.54 20.27 -7.04
C PHE C 218 -38.45 21.38 -6.02
N ASP C 219 -39.61 21.86 -5.56
CA ASP C 219 -39.70 22.95 -4.60
C ASP C 219 -40.50 22.48 -3.40
N ARG C 220 -39.81 22.16 -2.31
CA ARG C 220 -40.45 21.71 -1.08
C ARG C 220 -39.57 22.03 0.13
N ASN C 231 -23.67 25.85 3.98
CA ASN C 231 -22.76 26.97 4.20
C ASN C 231 -21.66 27.01 3.15
N TYR C 232 -21.23 28.22 2.79
CA TYR C 232 -20.10 28.36 1.88
C TYR C 232 -18.79 27.94 2.52
N TRP C 233 -18.74 27.84 3.85
CA TRP C 233 -17.53 27.35 4.52
C TRP C 233 -17.22 25.92 4.08
N LYS C 234 -18.21 25.03 4.17
CA LYS C 234 -17.98 23.63 3.85
C LYS C 234 -17.88 23.37 2.35
N LEU C 235 -18.40 24.28 1.52
CA LEU C 235 -18.32 24.08 0.09
C LEU C 235 -16.88 24.18 -0.41
N TRP C 236 -16.21 25.28 -0.07
CA TRP C 236 -14.81 25.43 -0.43
C TRP C 236 -13.90 24.56 0.43
N ASN C 237 -14.37 24.14 1.60
CA ASN C 237 -13.62 23.14 2.38
C ASN C 237 -13.58 21.81 1.65
N ALA C 238 -14.71 21.42 1.04
CA ALA C 238 -14.73 20.21 0.21
C ALA C 238 -13.95 20.41 -1.08
N ALA C 239 -13.91 21.65 -1.60
CA ALA C 239 -13.09 21.92 -2.77
C ALA C 239 -11.60 21.81 -2.44
N LEU C 240 -11.20 22.30 -1.27
CA LEU C 240 -9.82 22.11 -0.83
C LEU C 240 -9.50 20.64 -0.63
N ASP C 241 -10.45 19.88 -0.08
CA ASP C 241 -10.27 18.44 0.04
C ASP C 241 -10.32 17.76 -1.32
N GLY C 242 -10.89 18.40 -2.33
CA GLY C 242 -10.99 17.82 -3.66
C GLY C 242 -9.72 17.92 -4.46
N ILE C 243 -9.05 19.08 -4.38
CA ILE C 243 -7.79 19.25 -5.11
C ILE C 243 -6.69 18.37 -4.52
N PHE C 244 -6.82 17.94 -3.27
CA PHE C 244 -5.86 17.03 -2.66
C PHE C 244 -6.23 15.57 -2.89
N SER C 245 -7.51 15.26 -3.08
CA SER C 245 -7.97 13.88 -3.22
C SER C 245 -7.86 13.37 -4.65
N PHE C 246 -8.10 14.22 -5.64
CA PHE C 246 -8.10 13.81 -7.04
C PHE C 246 -6.98 14.43 -7.85
N SER C 247 -5.98 15.02 -7.20
CA SER C 247 -4.90 15.68 -7.92
C SER C 247 -3.65 15.71 -7.05
N LEU C 248 -2.51 15.95 -7.70
CA LEU C 248 -1.23 16.12 -7.03
C LEU C 248 -0.67 17.53 -7.20
N LEU C 249 -1.48 18.46 -7.69
CA LEU C 249 -1.00 19.82 -7.94
C LEU C 249 -0.50 20.51 -6.68
N PRO C 250 -1.19 20.48 -5.53
CA PRO C 250 -0.65 21.16 -4.34
C PRO C 250 0.73 20.66 -3.93
N LEU C 251 1.05 19.39 -4.20
CA LEU C 251 2.35 18.85 -3.84
C LEU C 251 3.39 19.10 -4.92
N LYS C 252 3.02 18.92 -6.20
CA LYS C 252 3.98 19.11 -7.28
C LYS C 252 4.32 20.58 -7.47
N VAL C 253 3.31 21.46 -7.43
CA VAL C 253 3.54 22.88 -7.63
C VAL C 253 4.41 23.44 -6.51
N TRP C 254 4.17 23.00 -5.27
CA TRP C 254 4.93 23.54 -4.15
C TRP C 254 6.34 23.00 -4.08
N THR C 255 6.56 21.75 -4.53
CA THR C 255 7.92 21.23 -4.59
C THR C 255 8.73 21.95 -5.66
N TYR C 256 8.10 22.24 -6.81
CA TYR C 256 8.78 23.02 -7.85
C TYR C 256 9.06 24.44 -7.37
N LEU C 257 8.07 25.07 -6.74
CA LEU C 257 8.25 26.44 -6.25
C LEU C 257 9.29 26.48 -5.14
N GLY C 258 9.21 25.55 -4.18
CA GLY C 258 10.20 25.48 -3.12
C GLY C 258 11.59 25.16 -3.63
N SER C 259 11.69 24.50 -4.78
CA SER C 259 13.01 24.17 -5.33
C SER C 259 13.63 25.36 -6.05
N ILE C 260 12.84 26.14 -6.79
CA ILE C 260 13.40 27.26 -7.51
C ILE C 260 13.79 28.40 -6.58
N ILE C 261 13.03 28.60 -5.49
CA ILE C 261 13.46 29.56 -4.48
C ILE C 261 14.61 29.01 -3.64
N SER C 262 14.81 27.69 -3.64
CA SER C 262 16.00 27.13 -3.02
C SER C 262 17.24 27.39 -3.88
N LEU C 263 17.08 27.30 -5.20
CA LEU C 263 18.19 27.62 -6.10
C LEU C 263 18.59 29.09 -5.97
N LEU C 264 17.61 29.97 -5.83
CA LEU C 264 17.92 31.38 -5.63
C LEU C 264 18.59 31.61 -4.28
N SER C 265 18.19 30.85 -3.26
CA SER C 265 18.78 31.03 -1.94
C SER C 265 20.20 30.47 -1.87
N LEU C 266 20.41 29.28 -2.46
CA LEU C 266 21.74 28.68 -2.44
C LEU C 266 22.74 29.49 -3.26
N ALA C 267 22.34 29.89 -4.47
CA ALA C 267 23.26 30.59 -5.36
C ALA C 267 23.60 31.98 -4.81
N TYR C 268 22.58 32.74 -4.39
CA TYR C 268 22.82 34.09 -3.90
C TYR C 268 23.67 34.08 -2.64
N ALA C 269 23.52 33.06 -1.79
CA ALA C 269 24.38 32.91 -0.63
C ALA C 269 25.77 32.39 -0.99
N SER C 270 25.89 31.67 -2.10
CA SER C 270 27.22 31.23 -2.54
C SER C 270 28.04 32.38 -3.08
N PHE C 271 27.39 33.42 -3.60
CA PHE C 271 28.08 34.62 -4.04
C PHE C 271 28.27 35.64 -2.92
N LEU C 272 27.45 35.57 -1.87
CA LEU C 272 27.68 36.40 -0.68
C LEU C 272 28.83 35.88 0.16
N ILE C 273 29.19 34.60 0.00
CA ILE C 273 30.36 34.05 0.67
C ILE C 273 31.59 34.07 -0.24
N LEU C 274 31.40 34.22 -1.56
CA LEU C 274 32.50 34.32 -2.51
C LEU C 274 32.80 35.76 -2.91
N LYS C 275 32.35 36.73 -2.10
CA LYS C 275 32.60 38.15 -2.34
C LYS C 275 33.64 38.61 -1.32
N THR C 276 34.90 38.24 -1.57
CA THR C 276 36.00 38.56 -0.66
C THR C 276 36.48 40.00 -0.78
N ILE C 277 35.81 40.83 -1.57
CA ILE C 277 36.25 42.20 -1.77
C ILE C 277 35.82 43.10 -0.60
N THR C 278 35.72 42.52 0.59
CA THR C 278 35.36 43.26 1.80
C THR C 278 35.62 42.41 3.04
N LEU C 279 35.04 42.80 4.17
CA LEU C 279 35.17 42.04 5.41
C LEU C 279 34.06 42.42 6.38
N VAL C 281 30.87 44.55 8.39
CA VAL C 281 30.15 43.99 9.54
C VAL C 281 28.81 43.41 9.10
N ASP C 282 27.95 44.26 8.53
CA ASP C 282 26.64 43.83 8.09
C ASP C 282 26.14 44.78 7.01
N VAL C 283 25.22 44.28 6.19
CA VAL C 283 24.63 45.07 5.11
C VAL C 283 23.27 45.51 5.67
N PRO C 284 22.06 45.09 5.19
CA PRO C 284 20.93 45.10 6.15
C PRO C 284 21.07 44.05 7.24
N GLY C 285 21.28 44.52 8.47
CA GLY C 285 21.43 43.64 9.61
C GLY C 285 20.17 42.92 10.00
N TYR C 286 19.40 43.48 10.94
CA TYR C 286 18.18 42.84 11.40
C TYR C 286 17.04 42.95 10.40
N ALA C 287 17.09 43.92 9.49
CA ALA C 287 16.00 44.07 8.53
C ALA C 287 15.93 42.89 7.58
N SER C 288 17.07 42.37 7.15
CA SER C 288 17.12 41.29 6.17
C SER C 288 17.32 39.92 6.80
N LEU C 289 18.20 39.80 7.80
CA LEU C 289 18.53 38.49 8.34
C LEU C 289 17.36 37.90 9.10
N MET C 290 16.69 38.71 9.93
CA MET C 290 15.49 38.25 10.61
C MET C 290 14.38 37.92 9.61
N VAL C 291 14.33 38.64 8.50
CA VAL C 291 13.37 38.31 7.45
C VAL C 291 13.79 37.03 6.72
N ALA C 292 15.10 36.78 6.63
CA ALA C 292 15.58 35.61 5.88
C ALA C 292 15.25 34.31 6.60
N ILE C 293 15.56 34.23 7.91
CA ILE C 293 15.16 33.05 8.68
C ILE C 293 13.65 32.89 8.65
N LEU C 294 12.92 33.99 8.44
CA LEU C 294 11.47 33.95 8.43
C LEU C 294 10.94 33.39 7.12
N PHE C 295 11.47 33.86 5.99
CA PHE C 295 10.97 33.40 4.69
C PHE C 295 11.33 31.93 4.45
N LEU C 296 12.60 31.57 4.64
CA LEU C 296 13.00 30.18 4.47
C LEU C 296 12.37 29.28 5.52
N GLY C 297 12.09 29.81 6.71
CA GLY C 297 11.43 29.04 7.74
C GLY C 297 9.95 28.84 7.52
N GLY C 298 9.32 29.69 6.72
CA GLY C 298 7.90 29.58 6.46
C GLY C 298 7.56 28.72 5.27
N VAL C 299 8.39 28.79 4.22
CA VAL C 299 8.16 27.97 3.03
C VAL C 299 8.34 26.50 3.36
N GLN C 300 9.20 26.17 4.32
CA GLN C 300 9.35 24.78 4.74
C GLN C 300 8.11 24.30 5.48
N LEU C 301 7.48 25.18 6.27
CA LEU C 301 6.28 24.79 7.00
C LEU C 301 5.12 24.48 6.08
N ILE C 302 5.04 25.17 4.94
CA ILE C 302 4.01 24.84 3.95
C ILE C 302 4.36 23.56 3.23
N SER C 303 5.65 23.31 2.99
CA SER C 303 6.07 22.02 2.43
C SER C 303 5.73 20.89 3.39
N LEU C 304 5.99 21.08 4.68
CA LEU C 304 5.58 20.09 5.68
C LEU C 304 4.07 19.97 5.74
N GLY C 305 3.35 21.04 5.42
CA GLY C 305 1.89 20.97 5.44
C GLY C 305 1.34 20.07 4.35
N VAL C 306 1.83 20.24 3.12
CA VAL C 306 1.32 19.43 2.01
C VAL C 306 1.88 18.01 2.07
N ILE C 307 3.10 17.85 2.59
CA ILE C 307 3.66 16.51 2.71
C ILE C 307 2.92 15.70 3.76
N GLY C 308 2.71 16.28 4.94
CA GLY C 308 1.93 15.61 5.96
C GLY C 308 0.49 15.37 5.55
N GLU C 309 -0.08 16.27 4.75
CA GLU C 309 -1.44 16.09 4.28
C GLU C 309 -1.57 14.88 3.37
N TYR C 310 -0.62 14.71 2.45
CA TYR C 310 -0.68 13.55 1.55
C TYR C 310 -0.25 12.27 2.27
N LEU C 311 0.59 12.38 3.30
CA LEU C 311 0.99 11.19 4.05
C LEU C 311 -0.20 10.58 4.79
N GLY C 312 -1.05 11.44 5.36
CA GLY C 312 -2.24 10.92 6.03
C GLY C 312 -3.19 10.23 5.09
N ARG C 313 -3.33 10.76 3.86
CA ARG C 313 -4.16 10.11 2.86
C ARG C 313 -3.58 8.76 2.43
N VAL C 314 -2.25 8.64 2.41
CA VAL C 314 -1.63 7.37 2.08
C VAL C 314 -1.96 6.33 3.14
N TYR C 315 -1.97 6.74 4.42
CA TYR C 315 -2.39 5.82 5.48
C TYR C 315 -3.83 5.39 5.31
N GLU C 316 -4.71 6.33 4.95
CA GLU C 316 -6.12 6.00 4.75
C GLU C 316 -6.34 5.03 3.60
N GLU C 317 -5.39 4.97 2.65
CA GLU C 317 -5.52 4.08 1.51
C GLU C 317 -4.88 2.72 1.76
N VAL C 318 -3.90 2.63 2.64
CA VAL C 318 -3.20 1.38 2.91
C VAL C 318 -3.64 0.72 4.20
N LYS C 319 -4.53 1.36 4.97
CA LYS C 319 -4.98 0.77 6.22
C LYS C 319 -5.80 -0.49 5.96
N ALA C 320 -5.52 -1.53 6.74
CA ALA C 320 -6.27 -2.78 6.63
C ALA C 320 -7.60 -2.74 7.36
N ARG C 321 -7.84 -1.71 8.17
CA ARG C 321 -9.06 -1.61 8.95
C ARG C 321 -10.24 -1.38 8.02
N PRO C 322 -11.32 -2.17 8.13
CA PRO C 322 -12.45 -2.01 7.22
C PRO C 322 -13.24 -0.74 7.53
N LEU C 323 -14.09 -0.37 6.59
CA LEU C 323 -14.88 0.84 6.73
C LEU C 323 -16.03 0.67 7.72
N TYR C 324 -16.60 -0.53 7.79
CA TYR C 324 -17.69 -0.82 8.70
C TYR C 324 -17.64 -2.29 9.10
N LEU C 325 -18.51 -2.66 10.03
CA LEU C 325 -18.65 -4.04 10.47
C LEU C 325 -20.13 -4.35 10.66
N VAL C 326 -20.53 -5.53 10.21
CA VAL C 326 -21.93 -5.97 10.26
C VAL C 326 -22.10 -6.93 11.42
N SER C 327 -23.04 -6.62 12.31
CA SER C 327 -23.32 -7.50 13.44
C SER C 327 -24.30 -8.59 13.07
N ASP C 328 -25.40 -8.24 12.41
CA ASP C 328 -26.44 -9.18 12.06
C ASP C 328 -27.02 -8.82 10.70
N LEU C 329 -27.69 -9.80 10.08
CA LEU C 329 -28.34 -9.63 8.80
C LEU C 329 -29.69 -10.33 8.81
N TRP C 330 -30.70 -9.67 8.25
CA TRP C 330 -32.04 -10.23 8.15
C TRP C 330 -32.49 -10.17 6.69
N GLY C 331 -32.66 -11.33 6.07
CA GLY C 331 -33.05 -11.39 4.68
C GLY C 331 -31.93 -11.17 3.69
N LEU C 332 -30.68 -11.33 4.12
CA LEU C 332 -29.53 -11.09 3.26
C LEU C 332 -28.44 -12.10 3.59
N GLU C 333 -27.49 -12.21 2.67
CA GLU C 333 -26.32 -13.06 2.83
C GLU C 333 -25.09 -12.21 3.09
N TYR C 334 -24.11 -12.79 3.79
CA TYR C 334 -22.88 -12.07 4.09
C TYR C 334 -22.02 -11.94 2.84
N LEU C 335 -21.18 -10.91 2.83
CA LEU C 335 -20.25 -10.69 1.74
C LEU C 335 -18.86 -11.19 2.10
N PRO C 336 -18.13 -11.76 1.12
CA PRO C 336 -18.56 -11.94 -0.27
C PRO C 336 -19.55 -13.09 -0.46
N LEU C 337 -20.18 -13.16 -1.63
CA LEU C 337 -21.17 -14.19 -1.92
C LEU C 337 -20.53 -15.58 -1.97
N PHE D 20 -24.44 -41.94 20.79
CA PHE D 20 -23.23 -42.22 20.02
C PHE D 20 -23.20 -41.41 18.73
N GLN D 21 -23.69 -40.18 18.79
CA GLN D 21 -23.64 -39.28 17.65
C GLN D 21 -22.28 -38.62 17.56
N SER D 22 -21.66 -38.66 16.38
CA SER D 22 -20.35 -38.08 16.16
C SER D 22 -20.53 -36.65 15.65
N ASN D 23 -20.28 -35.67 16.50
CA ASN D 23 -20.38 -34.27 16.13
C ASN D 23 -19.03 -33.78 15.59
N ALA D 24 -19.05 -33.19 14.40
CA ALA D 24 -17.84 -32.73 13.75
C ALA D 24 -17.55 -31.25 13.98
N THR D 25 -18.52 -30.49 14.51
CA THR D 25 -18.35 -29.06 14.72
C THR D 25 -17.72 -28.79 16.08
N ILE D 26 -16.75 -27.88 16.08
CA ILE D 26 -16.06 -27.47 17.31
C ILE D 26 -16.76 -26.25 17.86
N GLU D 27 -17.24 -26.35 19.10
CA GLU D 27 -18.02 -25.27 19.70
C GLU D 27 -17.16 -24.26 20.46
N LEU D 28 -16.07 -24.71 21.08
CA LEU D 28 -15.21 -23.85 21.87
C LEU D 28 -13.75 -24.07 21.48
N SER D 29 -12.97 -23.00 21.53
CA SER D 29 -11.54 -23.06 21.21
C SER D 29 -10.76 -22.37 22.32
N ILE D 30 -9.87 -23.12 22.96
CA ILE D 30 -8.96 -22.60 23.98
C ILE D 30 -7.59 -22.45 23.35
N VAL D 31 -7.06 -21.23 23.34
CA VAL D 31 -5.77 -20.92 22.73
C VAL D 31 -4.81 -20.55 23.85
N ILE D 32 -3.70 -21.26 23.94
CA ILE D 32 -2.72 -21.04 25.00
C ILE D 32 -1.34 -20.84 24.41
N PRO D 33 -0.80 -19.61 24.41
CA PRO D 33 0.59 -19.41 24.00
C PRO D 33 1.54 -19.85 25.10
N MET D 34 2.54 -20.65 24.73
CA MET D 34 3.46 -21.23 25.71
C MET D 34 4.89 -20.99 25.29
N TYR D 35 5.68 -20.44 26.21
CA TYR D 35 7.12 -20.28 26.04
C TYR D 35 7.79 -20.73 27.34
N ASN D 36 8.48 -21.88 27.28
CA ASN D 36 9.20 -22.43 28.42
C ASN D 36 8.26 -22.71 29.59
N GLU D 37 7.20 -23.47 29.31
CA GLU D 37 6.28 -23.90 30.35
C GLU D 37 6.34 -25.41 30.52
N GLU D 38 7.57 -25.95 30.59
CA GLU D 38 7.75 -27.39 30.70
C GLU D 38 7.19 -27.95 32.00
N ASP D 39 7.26 -27.16 33.08
CA ASP D 39 6.81 -27.65 34.38
C ASP D 39 5.29 -27.70 34.47
N ASN D 40 4.62 -26.65 34.00
CA ASN D 40 3.20 -26.45 34.25
C ASN D 40 2.29 -27.25 33.33
N LEU D 41 2.84 -28.07 32.42
CA LEU D 41 1.99 -28.76 31.45
C LEU D 41 1.10 -29.80 32.12
N GLU D 42 1.61 -30.51 33.12
CA GLU D 42 0.82 -31.54 33.79
C GLU D 42 -0.41 -30.94 34.46
N HIS D 43 -0.22 -29.83 35.18
CA HIS D 43 -1.34 -29.21 35.89
C HIS D 43 -2.25 -28.42 34.97
N LEU D 44 -1.71 -27.86 33.88
CA LEU D 44 -2.51 -27.05 32.98
C LEU D 44 -3.57 -27.89 32.28
N PHE D 45 -3.15 -28.96 31.60
CA PHE D 45 -4.09 -29.79 30.85
C PHE D 45 -5.05 -30.52 31.78
N ALA D 46 -4.62 -30.86 32.99
CA ALA D 46 -5.47 -31.61 33.91
C ALA D 46 -6.54 -30.72 34.52
N ARG D 47 -6.16 -29.55 35.02
CA ARG D 47 -7.12 -28.66 35.66
C ARG D 47 -8.07 -28.04 34.65
N LEU D 48 -7.63 -27.87 33.40
CA LEU D 48 -8.53 -27.38 32.36
C LEU D 48 -9.59 -28.42 32.00
N LEU D 49 -9.26 -29.70 32.12
CA LEU D 49 -10.19 -30.75 31.73
C LEU D 49 -11.40 -30.80 32.67
N GLU D 50 -11.17 -30.69 33.98
CA GLU D 50 -12.26 -30.71 34.93
C GLU D 50 -13.15 -29.48 34.83
N VAL D 51 -12.74 -28.46 34.08
CA VAL D 51 -13.59 -27.30 33.85
C VAL D 51 -14.40 -27.44 32.56
N LEU D 52 -13.83 -28.07 31.54
CA LEU D 52 -14.49 -28.18 30.25
C LEU D 52 -15.41 -29.38 30.14
N THR D 53 -15.14 -30.45 30.89
CA THR D 53 -15.96 -31.65 30.79
C THR D 53 -17.41 -31.43 31.23
N PRO D 54 -17.70 -30.78 32.36
CA PRO D 54 -19.11 -30.57 32.73
C PRO D 54 -19.90 -29.71 31.76
N LEU D 55 -19.23 -29.00 30.84
CA LEU D 55 -19.94 -28.15 29.90
C LEU D 55 -20.70 -28.93 28.85
N LYS D 56 -20.33 -30.20 28.62
CA LYS D 56 -20.95 -31.03 27.58
C LYS D 56 -20.90 -30.32 26.22
N ILE D 57 -19.73 -29.79 25.89
CA ILE D 57 -19.55 -28.94 24.73
C ILE D 57 -18.26 -29.35 24.02
N THR D 58 -18.34 -29.54 22.70
CA THR D 58 -17.15 -29.87 21.92
C THR D 58 -16.17 -28.71 21.96
N TYR D 59 -14.89 -29.03 22.13
CA TYR D 59 -13.86 -28.01 22.27
C TYR D 59 -12.56 -28.50 21.65
N GLU D 60 -11.56 -27.62 21.68
CA GLU D 60 -10.20 -27.93 21.23
C GLU D 60 -9.24 -27.03 21.97
N ILE D 61 -8.00 -27.51 22.14
CA ILE D 61 -6.94 -26.76 22.81
C ILE D 61 -5.83 -26.54 21.79
N ILE D 62 -5.63 -25.29 21.40
CA ILE D 62 -4.59 -24.93 20.44
C ILE D 62 -3.38 -24.45 21.24
N CYS D 63 -2.33 -25.27 21.26
CA CYS D 63 -1.11 -24.97 22.00
C CYS D 63 -0.06 -24.42 21.03
N VAL D 64 0.35 -23.18 21.27
CA VAL D 64 1.30 -22.50 20.39
C VAL D 64 2.68 -22.60 21.02
N ASN D 65 3.58 -23.31 20.35
CA ASN D 65 4.98 -23.38 20.77
C ASN D 65 5.72 -22.18 20.22
N ASP D 66 6.21 -21.31 21.11
CA ASP D 66 6.84 -20.07 20.68
C ASP D 66 8.36 -20.17 20.78
N GLY D 67 8.95 -21.14 20.11
CA GLY D 67 10.40 -21.28 20.08
C GLY D 67 11.06 -21.55 21.43
N SER D 68 10.55 -22.50 22.18
CA SER D 68 11.12 -22.84 23.48
C SER D 68 12.32 -23.77 23.30
N LYS D 69 13.27 -23.69 24.24
CA LYS D 69 14.43 -24.56 24.22
C LYS D 69 14.38 -25.68 25.27
N ASP D 70 13.51 -25.55 26.28
CA ASP D 70 13.54 -26.49 27.39
C ASP D 70 12.70 -27.73 27.12
N LYS D 71 12.68 -28.19 25.87
CA LYS D 71 12.00 -29.42 25.47
C LYS D 71 10.51 -29.39 25.80
N THR D 72 9.93 -28.19 25.82
CA THR D 72 8.48 -28.09 26.02
C THR D 72 7.73 -28.71 24.86
N LEU D 73 8.29 -28.65 23.64
CA LEU D 73 7.63 -29.22 22.48
C LEU D 73 7.51 -30.73 22.58
N LYS D 74 8.55 -31.40 23.09
CA LYS D 74 8.50 -32.84 23.24
C LYS D 74 7.39 -33.25 24.20
N GLN D 75 7.23 -32.50 25.29
CA GLN D 75 6.13 -32.76 26.23
C GLN D 75 4.78 -32.46 25.59
N LEU D 76 4.73 -31.47 24.69
CA LEU D 76 3.50 -31.18 23.96
C LEU D 76 3.11 -32.37 23.08
N ILE D 77 4.08 -32.91 22.34
CA ILE D 77 3.80 -34.02 21.42
C ILE D 77 3.34 -35.25 22.20
N ASP D 78 3.88 -35.45 23.40
CA ASP D 78 3.44 -36.58 24.21
C ASP D 78 1.98 -36.42 24.62
N CYS D 79 1.58 -35.21 25.04
CA CYS D 79 0.18 -34.96 25.33
C CYS D 79 -0.68 -35.03 24.07
N TYR D 80 -0.11 -34.65 22.92
CA TYR D 80 -0.85 -34.71 21.66
C TYR D 80 -1.12 -36.15 21.24
N GLN D 81 -0.24 -37.08 21.60
CA GLN D 81 -0.38 -38.46 21.14
C GLN D 81 -1.56 -39.16 21.82
N SER D 82 -1.92 -38.74 23.03
CA SER D 82 -2.96 -39.40 23.80
C SER D 82 -4.18 -38.51 24.04
N ASN D 83 -4.29 -37.39 23.34
CA ASN D 83 -5.41 -36.47 23.53
C ASN D 83 -5.79 -35.89 22.17
N ARG D 84 -7.01 -36.17 21.72
CA ARG D 84 -7.47 -35.72 20.41
C ARG D 84 -7.81 -34.23 20.39
N GLN D 85 -7.92 -33.58 21.54
CA GLN D 85 -8.22 -32.16 21.62
C GLN D 85 -6.97 -31.29 21.71
N ILE D 86 -5.79 -31.88 21.78
CA ILE D 86 -4.55 -31.13 21.82
C ILE D 86 -4.03 -30.97 20.39
N LYS D 87 -3.83 -29.73 19.97
CA LYS D 87 -3.29 -29.41 18.66
C LYS D 87 -2.14 -28.43 18.82
N ILE D 88 -1.03 -28.70 18.16
CA ILE D 88 0.21 -27.97 18.35
C ILE D 88 0.49 -27.11 17.13
N VAL D 89 0.90 -25.86 17.37
CA VAL D 89 1.34 -24.95 16.32
C VAL D 89 2.77 -24.57 16.66
N ASN D 90 3.73 -25.15 15.94
CA ASN D 90 5.16 -24.95 16.22
C ASN D 90 5.67 -23.77 15.41
N LEU D 91 6.07 -22.71 16.10
CA LEU D 91 6.59 -21.53 15.44
C LEU D 91 8.07 -21.74 15.09
N SER D 92 8.54 -20.94 14.13
CA SER D 92 9.92 -21.07 13.68
C SER D 92 10.91 -20.54 14.72
N ARG D 93 10.52 -19.52 15.47
CA ARG D 93 11.39 -18.94 16.49
C ARG D 93 10.51 -18.30 17.56
N ASN D 94 11.15 -17.58 18.48
CA ASN D 94 10.43 -16.84 19.50
C ASN D 94 9.94 -15.52 18.93
N PHE D 95 8.61 -15.34 18.87
CA PHE D 95 8.02 -14.15 18.28
C PHE D 95 7.35 -13.24 19.31
N GLY D 96 7.13 -13.70 20.53
CA GLY D 96 6.45 -12.93 21.53
C GLY D 96 5.07 -13.50 21.87
N LYS D 97 4.54 -13.06 23.00
CA LYS D 97 3.27 -13.60 23.48
C LYS D 97 2.12 -13.18 22.58
N GLU D 98 2.06 -11.90 22.20
CA GLU D 98 0.93 -11.41 21.42
C GLU D 98 0.88 -12.05 20.04
N ILE D 99 2.03 -12.19 19.39
CA ILE D 99 2.05 -12.80 18.06
C ILE D 99 1.78 -14.30 18.15
N ALA D 100 2.33 -14.97 19.16
CA ALA D 100 2.05 -16.39 19.34
C ALA D 100 0.58 -16.64 19.64
N LEU D 101 -0.08 -15.69 20.31
CA LEU D 101 -1.52 -15.81 20.53
C LEU D 101 -2.28 -15.61 19.23
N SER D 102 -1.84 -14.66 18.40
CA SER D 102 -2.49 -14.43 17.11
C SER D 102 -2.37 -15.64 16.20
N ALA D 103 -1.22 -16.33 16.25
CA ALA D 103 -1.04 -17.52 15.42
C ALA D 103 -1.99 -18.63 15.83
N GLY D 104 -2.22 -18.79 17.13
CA GLY D 104 -3.13 -19.83 17.58
C GLY D 104 -4.58 -19.53 17.24
N ILE D 105 -4.96 -18.25 17.31
CA ILE D 105 -6.32 -17.87 16.95
C ILE D 105 -6.58 -18.10 15.47
N ASP D 106 -5.53 -17.96 14.64
CA ASP D 106 -5.69 -18.19 13.20
C ASP D 106 -6.03 -19.64 12.90
N TYR D 107 -5.45 -20.57 13.67
CA TYR D 107 -5.68 -22.00 13.46
C TYR D 107 -6.80 -22.55 14.34
N ALA D 108 -7.55 -21.67 15.01
CA ALA D 108 -8.67 -22.08 15.86
C ALA D 108 -9.97 -21.91 15.07
N GLN D 109 -10.62 -23.03 14.76
CA GLN D 109 -11.86 -22.99 14.01
C GLN D 109 -13.05 -23.35 14.90
N GLY D 110 -13.22 -22.62 16.00
CA GLY D 110 -14.35 -22.83 16.88
C GLY D 110 -15.28 -21.63 16.93
N ASN D 111 -16.51 -21.85 17.39
CA ASN D 111 -17.49 -20.76 17.42
C ASN D 111 -17.13 -19.70 18.45
N ALA D 112 -16.41 -20.08 19.50
CA ALA D 112 -15.94 -19.15 20.52
C ALA D 112 -14.47 -19.40 20.81
N VAL D 113 -13.72 -18.32 21.01
CA VAL D 113 -12.28 -18.39 21.25
C VAL D 113 -11.98 -17.78 22.60
N ILE D 114 -11.18 -18.47 23.41
CA ILE D 114 -10.78 -17.99 24.73
C ILE D 114 -9.27 -18.11 24.89
N PRO D 115 -8.54 -16.99 24.97
CA PRO D 115 -7.10 -17.08 25.26
C PRO D 115 -6.84 -17.21 26.76
N ILE D 116 -5.93 -18.11 27.10
CA ILE D 116 -5.62 -18.42 28.49
C ILE D 116 -4.10 -18.47 28.66
N ASP D 117 -3.63 -17.97 29.80
CA ASP D 117 -2.21 -18.08 30.15
C ASP D 117 -1.90 -19.45 30.72
N ALA D 118 -0.66 -19.89 30.51
CA ALA D 118 -0.25 -21.21 30.98
C ALA D 118 0.00 -21.24 32.48
N ASP D 119 0.37 -20.11 33.07
CA ASP D 119 0.60 -20.04 34.51
C ASP D 119 -0.68 -19.82 35.32
N LEU D 120 -1.83 -20.02 34.67
CA LEU D 120 -3.16 -19.99 35.32
C LEU D 120 -3.27 -18.86 36.35
N GLN D 121 -2.88 -17.65 35.94
CA GLN D 121 -3.06 -16.50 36.81
C GLN D 121 -4.53 -16.23 37.06
N ASP D 122 -5.39 -16.54 36.08
CA ASP D 122 -6.83 -16.42 36.20
C ASP D 122 -7.47 -17.80 36.30
N PRO D 123 -8.44 -17.98 37.19
CA PRO D 123 -9.03 -19.31 37.41
C PRO D 123 -9.74 -19.81 36.16
N PRO D 124 -9.44 -21.04 35.71
CA PRO D 124 -10.11 -21.56 34.51
C PRO D 124 -11.60 -21.78 34.71
N GLU D 125 -12.08 -21.86 35.94
CA GLU D 125 -13.52 -22.06 36.19
C GLU D 125 -14.36 -20.91 35.65
N LEU D 126 -13.76 -19.75 35.41
CA LEU D 126 -14.48 -18.63 34.82
C LEU D 126 -14.95 -18.92 33.40
N ILE D 127 -14.43 -19.97 32.76
CA ILE D 127 -14.91 -20.35 31.44
C ILE D 127 -16.41 -20.66 31.48
N HIS D 128 -16.85 -21.32 32.56
CA HIS D 128 -18.27 -21.60 32.72
C HIS D 128 -19.09 -20.32 32.77
N GLU D 129 -18.55 -19.26 33.38
CA GLU D 129 -19.23 -17.98 33.39
C GLU D 129 -19.11 -17.26 32.05
N LEU D 130 -17.98 -17.43 31.36
CA LEU D 130 -17.80 -16.77 30.07
C LEU D 130 -18.75 -17.32 29.01
N VAL D 131 -18.92 -18.65 28.99
CA VAL D 131 -19.78 -19.26 27.97
C VAL D 131 -21.25 -18.99 28.26
N ASP D 132 -21.62 -18.91 29.54
CA ASP D 132 -23.01 -18.65 29.89
C ASP D 132 -23.44 -17.26 29.46
N LYS D 133 -22.62 -16.25 29.73
CA LYS D 133 -22.92 -14.90 29.26
C LYS D 133 -22.85 -14.82 27.73
N TRP D 134 -22.07 -15.69 27.10
CA TRP D 134 -21.97 -15.68 25.64
C TRP D 134 -23.23 -16.21 25.00
N ARG D 135 -23.87 -17.21 25.61
CA ARG D 135 -25.09 -17.78 25.05
C ARG D 135 -26.29 -16.86 25.19
N GLU D 136 -26.20 -15.79 25.98
CA GLU D 136 -27.28 -14.82 26.08
C GLU D 136 -27.33 -13.86 24.91
N GLY D 137 -26.27 -13.79 24.10
CA GLY D 137 -26.27 -12.92 22.94
C GLY D 137 -25.07 -11.99 22.85
N TYR D 138 -24.24 -11.98 23.90
CA TYR D 138 -23.07 -11.12 23.93
C TYR D 138 -21.97 -11.70 23.04
N ASP D 139 -21.40 -10.85 22.20
CA ASP D 139 -20.37 -11.28 21.26
C ASP D 139 -18.97 -11.28 21.88
N ILE D 140 -18.71 -10.38 22.83
CA ILE D 140 -17.43 -10.31 23.52
C ILE D 140 -17.71 -10.26 25.02
N VAL D 141 -17.13 -11.18 25.77
CA VAL D 141 -17.31 -11.26 27.21
C VAL D 141 -15.93 -11.24 27.86
N TYR D 142 -15.70 -10.27 28.75
CA TYR D 142 -14.44 -10.13 29.45
C TYR D 142 -14.53 -10.74 30.84
N ALA D 143 -13.37 -10.88 31.48
CA ALA D 143 -13.27 -11.37 32.85
C ALA D 143 -12.37 -10.40 33.62
N THR D 144 -12.98 -9.53 34.40
CA THR D 144 -12.27 -8.47 35.09
C THR D 144 -12.12 -8.78 36.57
N ARG D 145 -10.94 -8.50 37.12
CA ARG D 145 -10.66 -8.72 38.52
C ARG D 145 -11.06 -7.49 39.34
N ARG D 146 -10.99 -7.64 40.66
CA ARG D 146 -11.34 -6.56 41.57
C ARG D 146 -10.51 -6.61 42.84
N THR D 152 -4.44 7.83 44.17
CA THR D 152 -4.55 9.28 44.28
C THR D 152 -5.56 9.83 43.28
N TRP D 153 -5.42 11.12 42.95
CA TRP D 153 -6.30 11.75 41.97
C TRP D 153 -6.08 11.22 40.56
N VAL D 154 -4.99 10.48 40.32
CA VAL D 154 -4.76 9.89 39.00
C VAL D 154 -5.82 8.82 38.73
N LYS D 155 -6.26 8.10 39.77
CA LYS D 155 -7.28 7.08 39.59
C LYS D 155 -8.63 7.70 39.23
N GLN D 156 -8.89 8.92 39.71
CA GLN D 156 -10.11 9.65 39.37
C GLN D 156 -10.00 10.40 38.06
N PHE D 157 -8.79 10.75 37.62
CA PHE D 157 -8.62 11.47 36.35
C PHE D 157 -8.62 10.50 35.18
N THR D 158 -7.84 9.42 35.28
CA THR D 158 -7.76 8.46 34.19
C THR D 158 -9.10 7.80 33.93
N ALA D 159 -9.79 7.37 34.98
CA ALA D 159 -11.11 6.75 34.81
C ALA D 159 -12.13 7.72 34.25
N LYS D 160 -11.92 9.03 34.39
CA LYS D 160 -12.89 9.99 33.89
C LYS D 160 -12.64 10.34 32.42
N MET D 161 -11.38 10.34 31.97
CA MET D 161 -11.07 10.67 30.60
C MET D 161 -11.54 9.61 29.61
N PHE D 162 -11.70 8.36 30.05
CA PHE D 162 -11.92 7.26 29.14
C PHE D 162 -13.39 6.93 28.93
N TYR D 163 -14.26 7.23 29.90
CA TYR D 163 -15.68 6.94 29.75
C TYR D 163 -16.33 7.74 28.63
N LYS D 164 -15.68 8.80 28.14
CA LYS D 164 -16.25 9.61 27.07
C LYS D 164 -16.13 8.96 25.71
N VAL D 165 -15.34 7.89 25.56
CA VAL D 165 -15.13 7.27 24.26
C VAL D 165 -15.22 5.76 24.37
N ILE D 166 -14.80 5.20 25.50
CA ILE D 166 -14.77 3.75 25.65
C ILE D 166 -16.19 3.19 25.68
N GLY D 167 -17.08 3.80 26.47
CA GLY D 167 -18.49 3.45 26.45
C GLY D 167 -18.95 2.89 27.79
N ARG D 168 -19.79 1.87 27.72
CA ARG D 168 -20.45 1.36 28.92
C ARG D 168 -19.47 0.63 29.84
N MET D 169 -18.57 -0.17 29.27
CA MET D 169 -17.66 -1.01 30.03
C MET D 169 -16.26 -0.42 29.96
N THR D 170 -15.84 0.24 31.04
CA THR D 170 -14.49 0.75 31.18
C THR D 170 -13.71 0.04 32.28
N GLU D 171 -14.39 -0.76 33.11
CA GLU D 171 -13.72 -1.45 34.21
C GLU D 171 -12.65 -2.43 33.73
N ILE D 172 -12.70 -2.83 32.45
CA ILE D 172 -11.62 -3.65 31.90
C ILE D 172 -10.33 -2.87 31.75
N LYS D 173 -10.37 -1.55 31.91
CA LYS D 173 -9.19 -0.69 31.83
C LYS D 173 -8.49 -0.52 33.17
N ILE D 174 -9.20 0.02 34.16
CA ILE D 174 -8.64 0.45 35.43
C ILE D 174 -7.85 -0.67 36.09
N PRO D 175 -6.57 -0.42 36.42
CA PRO D 175 -5.65 -1.40 37.01
C PRO D 175 -6.22 -2.08 38.24
N PRO D 176 -5.85 -3.36 38.46
CA PRO D 176 -4.93 -4.12 37.62
C PRO D 176 -5.64 -4.91 36.51
N ASN D 177 -6.77 -4.40 36.02
CA ASN D 177 -7.59 -5.15 35.07
C ASN D 177 -6.97 -5.16 33.69
N THR D 178 -6.87 -6.35 33.10
CA THR D 178 -6.51 -6.54 31.71
C THR D 178 -7.51 -7.49 31.08
N GLY D 179 -7.93 -7.20 29.85
CA GLY D 179 -8.95 -7.99 29.20
C GLY D 179 -8.42 -9.21 28.47
N ASP D 180 -7.19 -9.61 28.76
CA ASP D 180 -6.57 -10.73 28.06
C ASP D 180 -7.23 -12.06 28.37
N PHE D 181 -8.09 -12.13 29.37
CA PHE D 181 -8.90 -13.32 29.66
C PHE D 181 -10.32 -13.00 29.23
N ARG D 182 -10.71 -13.51 28.06
CA ARG D 182 -11.95 -13.08 27.43
C ARG D 182 -12.50 -14.19 26.54
N LEU D 183 -13.73 -13.99 26.09
CA LEU D 183 -14.37 -14.86 25.11
C LEU D 183 -14.82 -14.00 23.93
N MET D 184 -14.48 -14.44 22.72
CA MET D 184 -14.81 -13.71 21.50
C MET D 184 -15.58 -14.61 20.54
N ASP D 185 -16.65 -14.07 19.97
CA ASP D 185 -17.44 -14.82 19.02
C ASP D 185 -16.70 -14.93 17.68
N ARG D 186 -17.12 -15.91 16.88
CA ARG D 186 -16.49 -16.14 15.58
C ARG D 186 -16.58 -14.90 14.69
N LYS D 187 -17.68 -14.14 14.80
CA LYS D 187 -17.80 -12.92 14.01
C LYS D 187 -16.73 -11.90 14.38
N VAL D 188 -16.30 -11.87 15.64
CA VAL D 188 -15.30 -10.91 16.06
C VAL D 188 -13.91 -11.34 15.61
N VAL D 189 -13.62 -12.64 15.71
CA VAL D 189 -12.32 -13.15 15.25
C VAL D 189 -12.16 -12.93 13.75
N ASN D 190 -13.23 -13.17 12.98
CA ASN D 190 -13.17 -12.96 11.54
C ASN D 190 -13.03 -11.50 11.19
N ALA D 191 -13.62 -10.60 11.98
CA ALA D 191 -13.60 -9.18 11.65
C ALA D 191 -12.19 -8.59 11.80
N ILE D 192 -11.40 -9.08 12.75
CA ILE D 192 -10.07 -8.55 13.01
C ILE D 192 -8.99 -9.50 12.50
N LYS D 193 -9.36 -10.43 11.63
CA LYS D 193 -8.40 -11.46 11.19
C LYS D 193 -7.28 -10.86 10.34
N GLN D 194 -7.61 -9.93 9.44
CA GLN D 194 -6.64 -9.35 8.53
C GLN D 194 -6.01 -8.06 9.06
N LEU D 195 -6.42 -7.60 10.23
CA LEU D 195 -5.86 -6.36 10.78
C LEU D 195 -4.56 -6.65 11.51
N PRO D 196 -3.49 -5.89 11.25
CA PRO D 196 -2.25 -6.09 12.01
C PRO D 196 -2.39 -5.73 13.48
N GLU D 197 -3.43 -4.99 13.86
CA GLU D 197 -3.65 -4.58 15.24
C GLU D 197 -4.25 -5.69 16.10
N ARG D 198 -4.53 -6.85 15.53
CA ARG D 198 -5.12 -7.94 16.32
C ARG D 198 -4.15 -8.48 17.37
N THR D 199 -2.85 -8.24 17.20
CA THR D 199 -1.89 -8.64 18.23
C THR D 199 -2.13 -7.87 19.52
N ARG D 200 -2.43 -6.57 19.41
CA ARG D 200 -2.74 -5.75 20.57
C ARG D 200 -4.22 -5.39 20.59
N PHE D 201 -5.08 -6.43 20.64
CA PHE D 201 -6.52 -6.20 20.63
C PHE D 201 -6.97 -5.38 21.83
N MET D 202 -6.24 -5.46 22.95
CA MET D 202 -6.58 -4.73 24.16
C MET D 202 -5.96 -3.34 24.20
N LYS D 203 -5.32 -2.90 23.12
CA LYS D 203 -4.73 -1.57 23.06
C LYS D 203 -5.69 -0.53 22.51
N GLY D 204 -6.89 -0.93 22.09
CA GLY D 204 -7.86 0.01 21.57
C GLY D 204 -8.79 -0.57 20.52
N LEU D 205 -8.38 -1.70 19.93
CA LEU D 205 -9.19 -2.30 18.86
C LEU D 205 -10.52 -2.82 19.39
N PHE D 206 -10.56 -3.22 20.67
CA PHE D 206 -11.81 -3.72 21.25
C PHE D 206 -12.89 -2.65 21.25
N ALA D 207 -12.51 -1.38 21.45
CA ALA D 207 -13.48 -0.31 21.50
C ALA D 207 -13.89 0.19 20.12
N TRP D 208 -13.11 -0.14 19.09
CA TRP D 208 -13.45 0.26 17.73
C TRP D 208 -14.37 -0.75 17.05
N VAL D 209 -14.22 -2.03 17.34
CA VAL D 209 -15.09 -3.03 16.71
C VAL D 209 -16.49 -2.97 17.31
N GLY D 210 -16.63 -2.52 18.54
CA GLY D 210 -17.93 -2.42 19.18
C GLY D 210 -18.52 -3.75 19.57
N TYR D 211 -19.58 -4.16 18.87
CA TYR D 211 -20.31 -5.40 19.14
C TYR D 211 -20.95 -5.39 20.53
N ARG D 212 -21.68 -6.46 20.85
CA ARG D 212 -22.30 -6.59 22.16
C ARG D 212 -21.27 -7.07 23.16
N GLN D 213 -20.95 -6.24 24.14
CA GLN D 213 -19.87 -6.51 25.08
C GLN D 213 -20.37 -6.47 26.52
N THR D 214 -19.71 -7.28 27.36
CA THR D 214 -19.99 -7.34 28.78
C THR D 214 -18.81 -8.02 29.46
N PHE D 215 -18.83 -8.06 30.79
CA PHE D 215 -17.74 -8.65 31.55
C PHE D 215 -18.29 -9.38 32.77
N VAL D 216 -17.42 -10.18 33.39
CA VAL D 216 -17.74 -10.93 34.60
C VAL D 216 -16.68 -10.59 35.64
N LEU D 217 -17.11 -10.50 36.91
CA LEU D 217 -16.23 -10.14 38.01
C LEU D 217 -15.69 -11.38 38.71
N PHE D 218 -14.46 -11.28 39.19
CA PHE D 218 -13.85 -12.36 39.96
C PHE D 218 -12.71 -11.84 40.84
N TRP D 230 -0.60 -2.63 35.88
CA TRP D 230 -0.70 -1.30 36.45
C TRP D 230 0.22 -0.32 35.73
N ASN D 231 0.85 0.56 36.52
CA ASN D 231 1.79 1.57 36.02
C ASN D 231 1.11 2.50 35.02
N TYR D 232 0.70 3.69 35.50
CA TYR D 232 0.04 4.65 34.63
C TYR D 232 0.98 5.27 33.60
N TRP D 233 2.29 5.12 33.77
CA TRP D 233 3.22 5.53 32.72
C TRP D 233 3.03 4.68 31.47
N LYS D 234 2.72 3.40 31.65
CA LYS D 234 2.40 2.52 30.54
C LYS D 234 0.91 2.55 30.18
N LEU D 235 0.05 2.95 31.11
CA LEU D 235 -1.38 3.03 30.82
C LEU D 235 -1.67 4.17 29.85
N TRP D 236 -1.08 5.34 30.09
CA TRP D 236 -1.23 6.46 29.17
C TRP D 236 -0.31 6.37 27.96
N ASN D 237 0.65 5.44 27.98
CA ASN D 237 1.42 5.15 26.77
C ASN D 237 0.52 4.55 25.71
N ALA D 238 -0.44 3.71 26.12
CA ALA D 238 -1.42 3.16 25.19
C ALA D 238 -2.42 4.22 24.74
N ALA D 239 -2.60 5.29 25.51
CA ALA D 239 -3.49 6.38 25.10
C ALA D 239 -2.92 7.12 23.90
N LEU D 240 -1.63 7.45 23.94
CA LEU D 240 -0.98 8.06 22.78
C LEU D 240 -0.92 7.08 21.62
N ASP D 241 -0.60 5.81 21.89
CA ASP D 241 -0.56 4.81 20.85
C ASP D 241 -1.94 4.56 20.23
N GLY D 242 -3.02 4.93 20.92
CA GLY D 242 -4.35 4.77 20.39
C GLY D 242 -4.82 5.99 19.61
N ILE D 243 -4.41 7.18 20.06
CA ILE D 243 -4.75 8.40 19.34
C ILE D 243 -4.05 8.44 17.98
N PHE D 244 -2.84 7.88 17.89
CA PHE D 244 -2.13 7.83 16.63
C PHE D 244 -2.57 6.69 15.73
N SER D 245 -3.15 5.62 16.30
CA SER D 245 -3.51 4.45 15.52
C SER D 245 -4.92 4.53 14.92
N PHE D 246 -5.86 5.12 15.65
CA PHE D 246 -7.26 5.19 15.21
C PHE D 246 -7.68 6.59 14.82
N SER D 247 -6.75 7.51 14.63
CA SER D 247 -7.10 8.88 14.30
C SER D 247 -5.95 9.55 13.56
N LEU D 248 -6.30 10.58 12.78
CA LEU D 248 -5.32 11.44 12.12
C LEU D 248 -5.27 12.82 12.74
N LEU D 249 -5.84 13.00 13.93
CA LEU D 249 -5.91 14.34 14.52
C LEU D 249 -4.54 14.93 14.83
N PRO D 250 -3.59 14.23 15.46
CA PRO D 250 -2.29 14.86 15.73
C PRO D 250 -1.58 15.32 14.47
N LEU D 251 -1.73 14.60 13.36
CA LEU D 251 -1.12 15.03 12.11
C LEU D 251 -1.88 16.19 11.49
N LYS D 252 -3.22 16.10 11.46
CA LYS D 252 -4.02 17.16 10.84
C LYS D 252 -3.98 18.44 11.67
N VAL D 253 -4.18 18.32 12.98
CA VAL D 253 -4.20 19.49 13.84
C VAL D 253 -2.86 20.22 13.76
N TRP D 254 -1.75 19.48 13.81
CA TRP D 254 -0.44 20.13 13.73
C TRP D 254 -0.14 20.61 12.32
N THR D 255 -0.73 19.99 11.30
CA THR D 255 -0.57 20.49 9.94
C THR D 255 -1.17 21.89 9.80
N TYR D 256 -2.38 22.07 10.32
CA TYR D 256 -3.01 23.39 10.27
C TYR D 256 -2.39 24.34 11.27
N LEU D 257 -2.01 23.83 12.45
CA LEU D 257 -1.39 24.69 13.46
C LEU D 257 -0.05 25.23 12.96
N GLY D 258 0.76 24.36 12.35
CA GLY D 258 2.00 24.82 11.76
C GLY D 258 1.83 25.62 10.49
N SER D 259 0.69 25.47 9.81
CA SER D 259 0.44 26.22 8.59
C SER D 259 0.01 27.66 8.90
N ILE D 260 -0.81 27.84 9.93
CA ILE D 260 -1.28 29.19 10.25
C ILE D 260 -0.15 30.03 10.85
N ILE D 261 0.73 29.40 11.62
CA ILE D 261 1.89 30.12 12.13
C ILE D 261 2.91 30.35 11.03
N SER D 262 2.82 29.60 9.92
CA SER D 262 3.63 29.89 8.75
C SER D 262 3.09 31.09 8.00
N LEU D 263 1.76 31.23 7.91
CA LEU D 263 1.17 32.41 7.30
C LEU D 263 1.40 33.64 8.17
N LEU D 264 1.18 33.52 9.47
CA LEU D 264 1.52 34.61 10.39
C LEU D 264 2.99 34.96 10.29
N SER D 265 3.85 33.97 10.05
CA SER D 265 5.26 34.22 9.81
C SER D 265 5.43 35.06 8.54
N LEU D 266 5.22 34.44 7.38
CA LEU D 266 5.53 35.09 6.10
C LEU D 266 4.87 36.45 5.98
N ALA D 267 3.69 36.63 6.57
CA ALA D 267 3.04 37.94 6.53
C ALA D 267 3.74 38.94 7.45
N TYR D 268 4.38 38.46 8.52
CA TYR D 268 5.06 39.36 9.44
C TYR D 268 6.33 39.94 8.83
N ALA D 269 6.92 39.24 7.86
CA ALA D 269 8.08 39.75 7.15
C ALA D 269 7.75 40.20 5.73
N SER D 270 6.48 40.18 5.35
CA SER D 270 6.06 40.63 4.03
C SER D 270 5.80 42.14 4.02
N PHE D 271 4.90 42.60 4.90
CA PHE D 271 4.61 44.03 4.98
C PHE D 271 5.64 44.77 5.82
N LEU D 272 6.23 44.10 6.82
CA LEU D 272 7.22 44.72 7.68
C LEU D 272 8.64 44.61 7.13
N ILE D 273 8.77 44.49 5.80
CA ILE D 273 10.07 44.60 5.14
C ILE D 273 10.12 45.77 4.18
N LEU D 274 8.98 46.37 3.82
CA LEU D 274 8.98 47.52 2.94
C LEU D 274 9.76 48.69 3.52
N LYS D 275 9.89 48.75 4.84
CA LYS D 275 10.66 49.80 5.49
C LYS D 275 12.16 49.47 5.45
N ASP D 282 9.38 47.42 15.66
CA ASP D 282 10.45 47.37 16.66
C ASP D 282 11.37 46.19 16.38
N VAL D 283 12.67 46.40 16.59
CA VAL D 283 13.68 45.39 16.28
C VAL D 283 14.48 45.04 17.53
N PRO D 284 14.01 44.11 18.35
CA PRO D 284 14.74 43.75 19.58
C PRO D 284 16.06 43.04 19.34
N GLY D 285 16.42 42.74 18.09
CA GLY D 285 17.71 42.13 17.79
C GLY D 285 17.85 40.73 18.32
N TYR D 286 18.80 40.53 19.25
CA TYR D 286 19.04 39.20 19.80
C TYR D 286 17.84 38.67 20.56
N ALA D 287 17.03 39.55 21.14
CA ALA D 287 15.86 39.12 21.89
C ALA D 287 14.82 38.43 21.03
N SER D 288 14.94 38.52 19.70
CA SER D 288 13.98 37.86 18.82
C SER D 288 14.68 37.06 17.74
N LEU D 289 15.92 37.43 17.39
CA LEU D 289 16.66 36.67 16.39
C LEU D 289 16.93 35.26 16.88
N MET D 290 17.30 35.11 18.15
CA MET D 290 17.48 33.78 18.72
C MET D 290 16.14 33.09 18.93
N VAL D 291 15.16 33.81 19.49
CA VAL D 291 13.88 33.20 19.84
C VAL D 291 13.20 32.68 18.58
N ALA D 292 13.15 33.50 17.52
CA ALA D 292 12.54 33.05 16.28
C ALA D 292 13.29 31.88 15.68
N ILE D 293 14.63 31.93 15.71
CA ILE D 293 15.43 30.80 15.27
C ILE D 293 15.13 29.57 16.13
N LEU D 294 14.93 29.78 17.43
CA LEU D 294 14.58 28.69 18.32
C LEU D 294 13.11 28.29 18.20
N PHE D 295 12.22 29.25 17.93
CA PHE D 295 10.81 28.93 17.82
C PHE D 295 10.47 28.28 16.49
N LEU D 296 10.85 28.93 15.38
CA LEU D 296 10.53 28.37 14.06
C LEU D 296 11.25 27.04 13.84
N GLY D 297 12.45 26.87 14.39
CA GLY D 297 13.15 25.61 14.29
C GLY D 297 12.58 24.53 15.19
N GLY D 298 11.83 24.91 16.22
CA GLY D 298 11.28 23.96 17.16
C GLY D 298 9.95 23.38 16.72
N VAL D 299 9.07 24.22 16.15
CA VAL D 299 7.78 23.74 15.68
C VAL D 299 7.94 22.78 14.51
N GLN D 300 9.03 22.87 13.76
CA GLN D 300 9.29 21.94 12.67
C GLN D 300 9.79 20.59 13.19
N LEU D 301 10.44 20.57 14.35
CA LEU D 301 11.02 19.33 14.84
C LEU D 301 9.95 18.33 15.27
N ILE D 302 8.84 18.81 15.84
CA ILE D 302 7.72 17.92 16.12
C ILE D 302 6.82 17.76 14.91
N SER D 303 6.90 18.67 13.93
CA SER D 303 6.24 18.42 12.64
C SER D 303 6.85 17.23 11.94
N LEU D 304 8.19 17.13 11.95
CA LEU D 304 8.84 15.92 11.49
C LEU D 304 8.63 14.76 12.45
N GLY D 305 8.28 15.04 13.70
CA GLY D 305 8.00 13.97 14.64
C GLY D 305 6.68 13.28 14.35
N VAL D 306 5.63 14.06 14.11
CA VAL D 306 4.34 13.47 13.78
C VAL D 306 4.37 12.85 12.38
N ILE D 307 5.17 13.41 11.48
CA ILE D 307 5.31 12.83 10.14
C ILE D 307 6.11 11.54 10.21
N GLY D 308 7.23 11.56 10.91
CA GLY D 308 8.05 10.36 11.05
C GLY D 308 7.33 9.23 11.76
N GLU D 309 6.45 9.57 12.71
CA GLU D 309 5.67 8.54 13.39
C GLU D 309 4.68 7.88 12.44
N TYR D 310 3.94 8.69 11.67
CA TYR D 310 2.95 8.14 10.76
C TYR D 310 3.60 7.41 9.59
N LEU D 311 4.80 7.85 9.18
CA LEU D 311 5.50 7.17 8.09
C LEU D 311 5.90 5.76 8.50
N GLY D 312 6.33 5.58 9.76
CA GLY D 312 6.64 4.24 10.24
C GLY D 312 5.42 3.35 10.30
N ARG D 313 4.26 3.93 10.65
CA ARG D 313 3.02 3.15 10.64
C ARG D 313 2.63 2.74 9.23
N VAL D 314 2.90 3.59 8.25
CA VAL D 314 2.63 3.24 6.86
C VAL D 314 3.48 2.05 6.43
N TYR D 315 4.74 2.02 6.88
CA TYR D 315 5.60 0.87 6.58
C TYR D 315 5.04 -0.40 7.20
N GLU D 316 4.60 -0.34 8.46
CA GLU D 316 4.05 -1.50 9.12
C GLU D 316 2.77 -2.00 8.47
N GLU D 317 2.08 -1.14 7.71
CA GLU D 317 0.87 -1.53 7.02
C GLU D 317 1.14 -2.08 5.62
N VAL D 318 2.22 -1.66 4.98
CA VAL D 318 2.51 -2.07 3.61
C VAL D 318 3.65 -3.07 3.51
N LYS D 319 4.34 -3.39 4.60
CA LYS D 319 5.44 -4.33 4.54
C LYS D 319 4.93 -5.72 4.19
N ALA D 320 5.70 -6.44 3.38
CA ALA D 320 5.34 -7.77 2.93
C ALA D 320 5.76 -8.87 3.91
N ARG D 321 6.50 -8.52 4.96
CA ARG D 321 6.95 -9.51 5.92
C ARG D 321 5.77 -9.99 6.75
N PRO D 322 5.56 -11.30 6.89
CA PRO D 322 4.42 -11.78 7.66
C PRO D 322 4.62 -11.54 9.16
N LEU D 323 3.54 -11.78 9.91
CA LEU D 323 3.58 -11.58 11.36
C LEU D 323 4.37 -12.69 12.05
N TYR D 324 4.24 -13.93 11.56
CA TYR D 324 4.91 -15.06 12.16
C TYR D 324 5.18 -16.11 11.09
N LEU D 325 5.88 -17.17 11.48
CA LEU D 325 6.16 -18.29 10.60
C LEU D 325 5.96 -19.60 11.37
N VAL D 326 5.31 -20.56 10.74
CA VAL D 326 5.00 -21.84 11.36
C VAL D 326 6.02 -22.87 10.89
N SER D 327 6.74 -23.47 11.84
CA SER D 327 7.72 -24.49 11.51
C SER D 327 7.04 -25.84 11.28
N ASP D 328 6.17 -26.26 12.20
CA ASP D 328 5.50 -27.55 12.12
C ASP D 328 4.09 -27.43 12.68
N LEU D 329 3.26 -28.41 12.34
CA LEU D 329 1.88 -28.46 12.80
C LEU D 329 1.55 -29.88 13.23
N TRP D 330 0.79 -30.00 14.33
CA TRP D 330 0.35 -31.29 14.84
C TRP D 330 -1.15 -31.23 15.06
N GLY D 331 -1.89 -32.04 14.31
CA GLY D 331 -3.34 -32.06 14.42
C GLY D 331 -4.05 -30.93 13.73
N LEU D 332 -3.39 -30.24 12.80
CA LEU D 332 -3.98 -29.11 12.10
C LEU D 332 -3.51 -29.11 10.65
N GLU D 333 -4.25 -28.39 9.81
CA GLU D 333 -3.91 -28.21 8.41
C GLU D 333 -3.29 -26.83 8.20
N TYR D 334 -2.43 -26.73 7.20
CA TYR D 334 -1.77 -25.46 6.90
C TYR D 334 -2.76 -24.48 6.28
N LEU D 335 -2.49 -23.19 6.48
CA LEU D 335 -3.31 -22.13 5.91
C LEU D 335 -2.60 -21.53 4.69
N PRO D 336 -3.38 -21.10 3.68
CA PRO D 336 -4.85 -21.14 3.61
C PRO D 336 -5.39 -22.53 3.30
N LEU D 337 -6.50 -22.89 3.95
CA LEU D 337 -7.11 -24.20 3.75
C LEU D 337 -7.79 -24.28 2.40
N1 UDP E . -7.18 11.43 -28.42
C2 UDP E . -8.06 10.99 -27.44
N3 UDP E . -8.38 11.83 -26.38
C4 UDP E . -7.83 13.08 -26.32
C5 UDP E . -6.95 13.50 -27.30
C6 UDP E . -6.46 12.56 -28.19
O2 UDP E . -8.55 9.86 -27.51
O4 UDP E . -8.11 13.83 -25.37
C1' UDP E . -6.84 10.54 -29.53
C2' UDP E . -7.30 11.14 -30.85
O2' UDP E . -8.52 10.57 -31.28
C3' UDP E . -6.20 10.82 -31.82
C4' UDP E . -4.99 10.49 -30.96
O4' UDP E . -5.44 10.36 -29.62
O3' UDP E . -6.54 9.69 -32.60
C5' UDP E . -3.95 11.59 -31.03
O5' UDP E . -4.42 12.64 -31.83
PA UDP E . -3.80 14.12 -31.71
O1A UDP E . -3.65 14.69 -33.07
O2A UDP E . -4.64 14.99 -30.84
O3A UDP E . -2.35 13.89 -31.06
PB UDP E . -1.03 14.43 -31.81
O1B UDP E . -1.28 14.39 -33.27
O2B UDP E . -0.77 15.82 -31.39
O3B UDP E . 0.13 13.57 -31.47
MG MG F . -2.63 13.07 -34.42
N1 UDP G . 25.93 -13.41 -12.49
C2 UDP G . 24.79 -13.19 -13.23
N3 UDP G . 24.48 -11.92 -13.68
C4 UDP G . 25.33 -10.87 -13.40
C5 UDP G . 26.48 -11.10 -12.66
C6 UDP G . 26.70 -12.35 -12.10
O2 UDP G . 24.03 -14.13 -13.47
O4 UDP G . 25.07 -9.75 -13.80
C1' UDP G . 26.23 -14.77 -12.00
C2' UDP G . 27.27 -15.45 -12.89
O2' UDP G . 26.73 -16.58 -13.51
C3' UDP G . 28.40 -15.84 -11.97
C4' UDP G . 28.07 -15.26 -10.61
O4' UDP G . 26.77 -14.70 -10.69
O3' UDP G . 28.45 -17.25 -11.87
C5' UDP G . 29.05 -14.17 -10.20
O5' UDP G . 30.33 -14.70 -10.01
PA UDP G . 31.48 -13.78 -9.36
O1A UDP G . 32.72 -14.57 -9.17
O2A UDP G . 31.73 -12.58 -10.19
O3A UDP G . 30.87 -13.38 -7.93
PB UDP G . 31.41 -14.11 -6.60
O1B UDP G . 32.04 -15.38 -7.00
O2B UDP G . 32.41 -13.24 -5.93
O3B UDP G . 30.28 -14.36 -5.67
MG MG H . 32.43 -16.50 -9.10
N1 UDP I . -28.07 8.58 10.45
C2 UDP I . -27.37 7.46 10.87
N3 UDP I . -26.37 7.58 11.80
C4 UDP I . -26.07 8.81 12.33
C5 UDP I . -26.76 9.94 11.90
C6 UDP I . -27.61 9.82 10.81
O2 UDP I . -27.65 6.36 10.39
O4 UDP I . -25.17 8.93 13.18
C1' UDP I . -29.13 8.45 9.44
C2' UDP I . -30.51 8.70 10.04
O2' UDP I . -31.24 7.50 10.15
C3' UDP I . -31.19 9.64 9.08
C4' UDP I . -30.11 10.14 8.15
O4' UDP I . -28.93 9.40 8.42
O3' UDP I . -32.17 8.95 8.35
C5' UDP I . -29.82 11.62 8.38
O5' UDP I . -30.36 11.98 9.63
PA UDP I . -30.33 13.49 10.16
O1A UDP I . -31.68 14.07 10.00
O2A UDP I . -29.86 13.57 11.56
O3A UDP I . -29.32 14.25 9.16
PB UDP I . -29.87 15.45 8.23
O1B UDP I . -31.33 15.24 8.03
O2B UDP I . -29.64 16.74 8.91
O3B UDP I . -29.18 15.43 6.92
MG MG J . -33.12 14.15 7.68
N1 UDP K . 4.55 -16.41 26.44
C2 UDP K . 4.90 -16.71 25.14
N3 UDP K . 6.03 -16.17 24.58
C4 UDP K . 6.82 -15.32 25.34
C5 UDP K . 6.46 -15.03 26.64
C6 UDP K . 5.19 -15.38 27.07
O2 UDP K . 4.18 -17.47 24.48
O4 UDP K . 7.84 -14.83 24.85
C1' UDP K . 3.33 -16.99 27.03
C2' UDP K . 3.66 -17.81 28.26
O2' UDP K . 3.64 -19.20 28.00
C3' UDP K . 2.55 -17.47 29.25
C4' UDP K . 1.98 -16.15 28.74
O4' UDP K . 2.45 -15.96 27.43
O3' UDP K . 1.56 -18.47 29.20
C5' UDP K . 2.46 -15.02 29.61
O5' UDP K . 2.49 -15.45 30.96
PA UDP K . 3.61 -14.88 31.95
O1A UDP K . 3.24 -15.19 33.35
O2A UDP K . 4.95 -15.41 31.61
O3A UDP K . 3.53 -13.28 31.71
PB UDP K . 2.64 -12.36 32.69
O1B UDP K . 1.89 -13.25 33.60
O2B UDP K . 3.53 -11.47 33.47
O3B UDP K . 1.70 -11.55 31.88
MG MG L . 1.31 -15.33 34.31
#